data_1CE4
#
_entry.id   1CE4
#
_cell.length_a   1.000
_cell.length_b   1.000
_cell.length_c   1.000
_cell.angle_alpha   90.00
_cell.angle_beta   90.00
_cell.angle_gamma   90.00
#
_symmetry.space_group_name_H-M   'P 1'
#
_entity_poly.entity_id   1
_entity_poly.type   'polypeptide(L)'
_entity_poly.pdbx_seq_one_letter_code
;CTRPNNNTRKSIHIGPGRAFYTTGEIIGDIRQAHC
;
_entity_poly.pdbx_strand_id   A
#
# COMPACT_ATOMS: atom_id res chain seq x y z
N CYS A 1 -4.31 13.10 1.01
CA CYS A 1 -3.11 12.41 0.51
C CYS A 1 -2.28 11.76 1.64
N THR A 2 -1.36 10.88 1.22
CA THR A 2 -0.25 10.37 2.04
C THR A 2 0.82 9.70 1.18
N ARG A 3 2.02 9.63 1.73
CA ARG A 3 3.23 9.09 1.14
C ARG A 3 3.66 7.64 1.57
N PRO A 4 2.80 6.60 1.63
CA PRO A 4 3.25 5.20 1.71
C PRO A 4 3.49 4.82 0.24
N ASN A 5 2.63 4.02 -0.39
CA ASN A 5 2.51 3.83 -1.85
C ASN A 5 3.81 3.96 -2.68
N ASN A 6 4.26 5.19 -3.01
CA ASN A 6 5.54 5.53 -3.66
C ASN A 6 6.81 4.95 -3.00
N ASN A 7 6.66 4.31 -1.83
CA ASN A 7 7.63 3.49 -1.10
C ASN A 7 6.93 2.31 -0.36
N THR A 8 5.61 2.16 -0.50
CA THR A 8 4.72 1.18 0.14
C THR A 8 5.12 0.82 1.58
N ARG A 9 5.08 1.83 2.44
CA ARG A 9 5.50 1.79 3.86
C ARG A 9 4.44 1.03 4.70
N LYS A 10 3.23 1.59 4.78
CA LYS A 10 2.06 0.91 5.33
C LYS A 10 1.57 -0.20 4.36
N SER A 11 2.34 -1.30 4.26
CA SER A 11 2.06 -2.57 3.56
C SER A 11 3.35 -3.36 3.22
N ILE A 12 4.01 -3.90 4.25
CA ILE A 12 5.21 -4.77 4.13
C ILE A 12 5.08 -6.15 4.82
N HIS A 13 4.15 -6.26 5.77
CA HIS A 13 3.97 -7.36 6.72
C HIS A 13 4.15 -8.79 6.22
N ILE A 14 3.34 -9.11 5.23
CA ILE A 14 3.45 -10.33 4.40
C ILE A 14 4.62 -10.17 3.39
N GLY A 15 4.44 -10.43 2.08
CA GLY A 15 5.52 -10.42 1.07
C GLY A 15 5.41 -11.55 0.03
N PRO A 16 5.77 -12.80 0.39
CA PRO A 16 5.70 -13.96 -0.52
C PRO A 16 4.29 -14.16 -1.10
N GLY A 17 3.31 -14.15 -0.21
CA GLY A 17 1.88 -14.10 -0.51
C GLY A 17 1.38 -12.65 -0.63
N ARG A 18 2.04 -11.85 -1.48
CA ARG A 18 1.89 -10.40 -1.67
C ARG A 18 0.45 -9.87 -1.50
N ALA A 19 -0.53 -10.52 -2.15
CA ALA A 19 -1.92 -10.02 -2.15
C ALA A 19 -2.63 -10.18 -0.79
N PHE A 20 -1.97 -10.83 0.17
CA PHE A 20 -2.37 -10.89 1.58
C PHE A 20 -2.09 -9.58 2.35
N TYR A 21 -1.53 -8.53 1.72
CA TYR A 21 -1.48 -7.20 2.38
C TYR A 21 -2.87 -6.55 2.51
N THR A 22 -3.91 -7.16 1.93
CA THR A 22 -5.33 -6.83 2.14
C THR A 22 -5.85 -5.62 1.36
N THR A 23 -7.01 -5.78 0.72
CA THR A 23 -7.62 -4.84 -0.24
C THR A 23 -7.72 -3.44 0.37
N GLY A 24 -8.44 -3.33 1.49
CA GLY A 24 -8.44 -2.13 2.34
C GLY A 24 -7.07 -1.41 2.44
N GLU A 25 -5.95 -2.15 2.57
CA GLU A 25 -4.61 -1.55 2.72
C GLU A 25 -4.07 -1.01 1.39
N ILE A 26 -3.99 -1.89 0.38
CA ILE A 26 -3.56 -1.58 -0.98
C ILE A 26 -4.39 -0.41 -1.59
N ILE A 27 -5.72 -0.50 -1.49
CA ILE A 27 -6.69 0.53 -1.87
C ILE A 27 -6.48 1.80 -1.03
N GLY A 28 -6.34 1.70 0.31
CA GLY A 28 -5.97 2.82 1.17
C GLY A 28 -4.72 3.57 0.68
N ASP A 29 -3.63 2.82 0.45
CA ASP A 29 -2.37 3.27 -0.15
C ASP A 29 -2.58 3.97 -1.49
N ILE A 30 -3.35 3.33 -2.38
CA ILE A 30 -3.68 3.90 -3.68
C ILE A 30 -4.54 5.18 -3.54
N ARG A 31 -5.51 5.23 -2.61
CA ARG A 31 -6.28 6.44 -2.31
C ARG A 31 -5.33 7.58 -1.90
N GLN A 32 -4.50 7.30 -0.90
CA GLN A 32 -3.45 8.15 -0.33
C GLN A 32 -2.53 8.73 -1.43
N ALA A 33 -2.29 8.00 -2.52
CA ALA A 33 -1.50 8.44 -3.67
C ALA A 33 -2.20 9.43 -4.63
N HIS A 34 -3.49 9.75 -4.46
CA HIS A 34 -4.28 10.52 -5.43
C HIS A 34 -4.10 12.05 -5.30
N CYS A 35 -2.86 12.46 -5.01
CA CYS A 35 -2.48 13.79 -4.61
C CYS A 35 -2.21 14.74 -5.80
N CYS A 1 -1.04 10.40 -2.54
CA CYS A 1 -0.30 10.17 -3.78
C CYS A 1 0.07 8.69 -3.97
N THR A 2 1.08 8.43 -4.81
CA THR A 2 1.70 7.11 -5.06
C THR A 2 2.15 6.38 -3.78
N ARG A 3 3.31 5.75 -3.80
CA ARG A 3 3.95 5.08 -2.69
C ARG A 3 5.16 5.87 -2.15
N PRO A 4 5.04 7.14 -1.66
CA PRO A 4 6.11 7.84 -0.95
C PRO A 4 6.22 7.31 0.49
N ASN A 5 5.08 7.03 1.12
CA ASN A 5 4.91 6.32 2.39
C ASN A 5 5.40 4.84 2.42
N ASN A 6 6.37 4.45 1.58
CA ASN A 6 7.14 3.19 1.55
C ASN A 6 7.98 2.96 2.84
N ASN A 7 7.30 3.05 3.98
CA ASN A 7 7.83 3.18 5.34
C ASN A 7 6.60 3.22 6.28
N THR A 8 6.07 4.42 6.57
CA THR A 8 4.80 4.73 7.21
C THR A 8 3.67 3.75 6.89
N ARG A 9 3.47 3.42 5.60
CA ARG A 9 2.40 2.55 5.10
C ARG A 9 2.55 1.04 5.47
N LYS A 10 3.70 0.61 6.02
CA LYS A 10 3.94 -0.75 6.53
C LYS A 10 3.93 -1.84 5.43
N SER A 11 4.89 -1.80 4.49
CA SER A 11 4.95 -2.68 3.32
C SER A 11 5.92 -3.84 3.43
N ILE A 12 6.12 -4.30 4.66
CA ILE A 12 7.08 -5.36 4.99
C ILE A 12 6.47 -6.63 5.61
N HIS A 13 5.26 -6.51 6.18
CA HIS A 13 4.41 -7.56 6.75
C HIS A 13 4.47 -8.92 6.04
N ILE A 14 4.04 -8.90 4.78
CA ILE A 14 4.12 -10.00 3.81
C ILE A 14 5.33 -9.83 2.85
N GLY A 15 5.23 -8.93 1.87
CA GLY A 15 6.31 -8.66 0.89
C GLY A 15 5.98 -9.13 -0.55
N PRO A 16 6.05 -10.43 -0.88
CA PRO A 16 5.83 -10.92 -2.23
C PRO A 16 4.40 -10.68 -2.74
N GLY A 17 3.44 -10.77 -1.83
CA GLY A 17 2.03 -10.39 -2.02
C GLY A 17 1.80 -8.87 -2.16
N ARG A 18 2.68 -8.21 -2.90
CA ARG A 18 2.71 -6.79 -3.23
C ARG A 18 1.36 -6.18 -3.65
N ALA A 19 0.48 -7.01 -4.22
CA ALA A 19 -0.86 -6.65 -4.74
C ALA A 19 -2.04 -7.30 -3.98
N PHE A 20 -1.80 -7.86 -2.78
CA PHE A 20 -2.85 -8.39 -1.90
C PHE A 20 -2.52 -8.41 -0.40
N TYR A 21 -1.35 -7.91 0.02
CA TYR A 21 -0.87 -8.17 1.39
C TYR A 21 -1.75 -7.65 2.54
N THR A 22 -2.74 -6.80 2.23
CA THR A 22 -3.85 -6.26 3.03
C THR A 22 -4.58 -5.23 2.17
N THR A 23 -5.89 -5.41 1.93
CA THR A 23 -6.70 -4.51 1.09
C THR A 23 -6.59 -3.07 1.57
N GLY A 24 -6.95 -2.84 2.83
CA GLY A 24 -6.71 -1.60 3.56
C GLY A 24 -5.43 -0.83 3.15
N GLU A 25 -4.29 -1.51 2.91
CA GLU A 25 -3.04 -0.83 2.51
C GLU A 25 -3.07 -0.39 1.04
N ILE A 26 -3.15 -1.39 0.16
CA ILE A 26 -3.13 -1.26 -1.30
C ILE A 26 -4.24 -0.30 -1.76
N ILE A 27 -5.47 -0.53 -1.28
CA ILE A 27 -6.67 0.25 -1.57
C ILE A 27 -6.59 1.62 -0.87
N GLY A 28 -6.15 1.68 0.41
CA GLY A 28 -5.88 2.96 1.09
C GLY A 28 -4.96 3.86 0.25
N ASP A 29 -3.81 3.31 -0.17
CA ASP A 29 -2.87 3.93 -1.09
C ASP A 29 -3.56 4.40 -2.38
N ILE A 30 -4.26 3.46 -3.03
CA ILE A 30 -5.08 3.76 -4.20
C ILE A 30 -6.06 4.95 -4.01
N ARG A 31 -6.62 5.19 -2.80
CA ARG A 31 -7.35 6.42 -2.48
C ARG A 31 -6.45 7.67 -2.38
N GLN A 32 -5.26 7.55 -1.77
CA GLN A 32 -4.25 8.61 -1.86
C GLN A 32 -3.84 8.92 -3.32
N ALA A 33 -3.78 7.89 -4.19
CA ALA A 33 -3.20 7.94 -5.54
C ALA A 33 -4.03 8.71 -6.60
N HIS A 34 -4.90 9.63 -6.16
CA HIS A 34 -5.60 10.63 -6.96
C HIS A 34 -4.98 12.05 -6.84
N CYS A 35 -3.98 12.23 -5.97
CA CYS A 35 -3.09 13.39 -5.81
C CYS A 35 -2.75 14.10 -7.15
N CYS A 1 -3.98 13.34 1.17
CA CYS A 1 -3.32 12.40 0.25
C CYS A 1 -2.64 11.23 1.00
N THR A 2 -1.80 10.48 0.29
CA THR A 2 -0.87 9.51 0.88
C THR A 2 0.58 10.00 0.81
N ARG A 3 1.48 9.12 1.24
CA ARG A 3 2.92 9.19 1.13
C ARG A 3 3.36 7.85 0.52
N PRO A 4 3.26 7.68 -0.82
CA PRO A 4 3.60 6.43 -1.50
C PRO A 4 5.13 6.37 -1.63
N ASN A 5 5.76 5.49 -2.44
CA ASN A 5 7.17 5.54 -2.80
C ASN A 5 8.09 6.11 -1.70
N ASN A 6 8.99 7.03 -2.04
CA ASN A 6 9.88 7.78 -1.13
C ASN A 6 10.77 6.88 -0.20
N ASN A 7 10.87 5.58 -0.52
CA ASN A 7 11.40 4.44 0.24
C ASN A 7 10.62 3.15 -0.15
N THR A 8 9.36 3.31 -0.54
CA THR A 8 8.41 2.36 -1.14
C THR A 8 7.98 1.16 -0.26
N ARG A 9 8.76 0.89 0.79
CA ARG A 9 8.54 0.00 1.94
C ARG A 9 7.31 -0.97 1.91
N LYS A 10 6.28 -0.74 2.73
CA LYS A 10 5.02 -1.50 2.85
C LYS A 10 5.02 -3.00 2.49
N SER A 11 5.97 -3.79 3.00
CA SER A 11 6.16 -5.20 2.65
C SER A 11 6.75 -6.00 3.82
N ILE A 12 6.07 -5.92 4.96
CA ILE A 12 6.54 -6.40 6.26
C ILE A 12 5.74 -7.57 6.84
N HIS A 13 4.45 -7.32 6.97
CA HIS A 13 3.42 -8.07 7.66
C HIS A 13 3.11 -9.48 7.13
N ILE A 14 2.07 -9.54 6.31
CA ILE A 14 1.38 -10.73 5.79
C ILE A 14 2.31 -11.94 5.51
N GLY A 15 3.21 -11.82 4.52
CA GLY A 15 4.30 -12.75 4.25
C GLY A 15 4.14 -13.43 2.89
N PRO A 16 3.49 -14.61 2.81
CA PRO A 16 3.23 -15.29 1.54
C PRO A 16 2.36 -14.46 0.61
N GLY A 17 1.15 -14.15 1.07
CA GLY A 17 0.13 -13.38 0.34
C GLY A 17 0.41 -11.87 0.27
N ARG A 18 1.68 -11.48 0.18
CA ARG A 18 2.10 -10.07 0.31
C ARG A 18 1.44 -9.17 -0.75
N ALA A 19 1.47 -9.55 -2.04
CA ALA A 19 1.03 -8.68 -3.14
C ALA A 19 -0.48 -8.47 -3.25
N PHE A 20 -1.29 -9.16 -2.44
CA PHE A 20 -2.72 -8.88 -2.30
C PHE A 20 -3.01 -8.14 -0.98
N TYR A 21 -1.97 -7.66 -0.27
CA TYR A 21 -1.83 -6.74 0.89
C TYR A 21 -2.99 -6.44 1.85
N THR A 22 -4.05 -7.23 1.77
CA THR A 22 -5.37 -6.95 2.32
C THR A 22 -5.97 -5.78 1.53
N THR A 23 -7.15 -5.99 0.93
CA THR A 23 -7.85 -5.04 0.06
C THR A 23 -7.95 -3.68 0.74
N GLY A 24 -8.56 -3.65 1.91
CA GLY A 24 -8.55 -2.51 2.85
C GLY A 24 -7.25 -1.68 2.85
N GLU A 25 -6.06 -2.30 2.78
CA GLU A 25 -4.77 -1.58 2.72
C GLU A 25 -4.54 -0.94 1.35
N ILE A 26 -4.42 -1.80 0.33
CA ILE A 26 -4.10 -1.48 -1.05
C ILE A 26 -5.09 -0.43 -1.60
N ILE A 27 -6.38 -0.69 -1.40
CA ILE A 27 -7.52 0.17 -1.74
C ILE A 27 -7.56 1.41 -0.81
N GLY A 28 -7.32 1.24 0.51
CA GLY A 28 -7.12 2.38 1.42
C GLY A 28 -6.10 3.40 0.87
N ASP A 29 -4.93 2.91 0.46
CA ASP A 29 -3.89 3.71 -0.18
C ASP A 29 -4.33 4.32 -1.51
N ILE A 30 -4.85 3.48 -2.41
CA ILE A 30 -5.39 3.96 -3.68
C ILE A 30 -6.40 5.11 -3.48
N ARG A 31 -7.44 4.92 -2.65
CA ARG A 31 -8.50 5.91 -2.42
C ARG A 31 -7.99 7.17 -1.72
N GLN A 32 -7.08 7.00 -0.76
CA GLN A 32 -6.31 8.09 -0.17
C GLN A 32 -5.56 8.90 -1.26
N ALA A 33 -4.93 8.22 -2.24
CA ALA A 33 -4.28 8.83 -3.41
C ALA A 33 -5.23 9.34 -4.52
N HIS A 34 -6.36 9.97 -4.13
CA HIS A 34 -7.26 10.75 -5.01
C HIS A 34 -7.54 12.14 -4.44
N CYS A 35 -6.50 12.69 -3.83
CA CYS A 35 -6.37 13.97 -3.14
C CYS A 35 -6.76 15.19 -4.01
N CYS A 1 -1.99 14.26 -4.97
CA CYS A 1 -2.00 12.92 -4.38
C CYS A 1 -2.83 12.90 -3.06
N THR A 2 -2.65 11.84 -2.26
CA THR A 2 -3.12 11.77 -0.86
C THR A 2 -1.93 11.59 0.08
N ARG A 3 -2.20 11.14 1.31
CA ARG A 3 -1.22 10.83 2.33
C ARG A 3 -0.35 9.60 1.93
N PRO A 4 0.99 9.74 1.82
CA PRO A 4 1.85 8.68 1.29
C PRO A 4 1.92 7.46 2.23
N ASN A 5 2.73 7.50 3.30
CA ASN A 5 2.97 6.53 4.39
C ASN A 5 2.91 4.99 4.12
N ASN A 6 1.81 4.47 3.58
CA ASN A 6 1.36 3.07 3.42
C ASN A 6 2.38 1.95 3.05
N ASN A 7 3.65 2.27 2.78
CA ASN A 7 4.75 1.36 2.47
C ASN A 7 5.80 1.49 3.58
N THR A 8 6.30 2.72 3.76
CA THR A 8 7.11 3.21 4.90
C THR A 8 6.49 2.85 6.26
N ARG A 9 5.15 2.70 6.31
CA ARG A 9 4.34 2.15 7.38
C ARG A 9 4.91 0.81 7.94
N LYS A 10 5.56 0.03 7.06
CA LYS A 10 6.18 -1.30 7.17
C LYS A 10 5.26 -2.38 6.53
N SER A 11 5.00 -2.25 5.22
CA SER A 11 4.14 -3.17 4.45
C SER A 11 4.89 -4.09 3.47
N ILE A 12 6.07 -4.52 3.91
CA ILE A 12 6.96 -5.45 3.21
C ILE A 12 6.62 -6.93 3.45
N HIS A 13 6.32 -7.25 4.70
CA HIS A 13 6.16 -8.56 5.32
C HIS A 13 5.60 -9.67 4.42
N ILE A 14 4.37 -9.45 3.96
CA ILE A 14 3.60 -10.36 3.12
C ILE A 14 3.45 -9.82 1.67
N GLY A 15 4.37 -8.96 1.21
CA GLY A 15 4.46 -8.40 -0.15
C GLY A 15 3.96 -9.28 -1.32
N PRO A 16 4.53 -10.48 -1.54
CA PRO A 16 4.08 -11.41 -2.59
C PRO A 16 2.60 -11.85 -2.46
N GLY A 17 2.06 -11.81 -1.24
CA GLY A 17 0.64 -11.98 -0.95
C GLY A 17 -0.19 -10.76 -1.34
N ARG A 18 0.02 -10.23 -2.55
CA ARG A 18 -0.62 -9.06 -3.14
C ARG A 18 -2.17 -9.08 -3.12
N ALA A 19 -2.78 -10.26 -2.91
CA ALA A 19 -4.21 -10.43 -2.64
C ALA A 19 -4.49 -11.17 -1.31
N PHE A 20 -3.71 -10.88 -0.26
CA PHE A 20 -4.00 -11.34 1.14
C PHE A 20 -3.21 -10.63 2.25
N TYR A 21 -2.24 -9.80 1.85
CA TYR A 21 -1.52 -8.78 2.58
C TYR A 21 -2.47 -7.74 3.20
N THR A 22 -2.25 -6.45 2.95
CA THR A 22 -2.93 -5.36 3.68
C THR A 22 -3.60 -4.30 2.80
N THR A 23 -4.90 -4.11 2.99
CA THR A 23 -5.75 -3.11 2.32
C THR A 23 -5.12 -1.72 2.42
N GLY A 24 -4.88 -1.28 3.66
CA GLY A 24 -4.07 -0.10 3.98
C GLY A 24 -2.90 0.18 3.01
N GLU A 25 -2.16 -0.85 2.56
CA GLU A 25 -1.14 -0.71 1.50
C GLU A 25 -1.78 -0.44 0.13
N ILE A 26 -2.43 -1.48 -0.37
CA ILE A 26 -2.95 -1.57 -1.74
C ILE A 26 -3.83 -0.36 -2.07
N ILE A 27 -4.72 -0.02 -1.15
CA ILE A 27 -5.63 1.13 -1.19
C ILE A 27 -4.91 2.46 -0.87
N GLY A 28 -3.90 2.48 0.02
CA GLY A 28 -3.06 3.67 0.20
C GLY A 28 -2.37 4.07 -1.10
N ASP A 29 -1.64 3.12 -1.69
CA ASP A 29 -0.98 3.21 -2.99
C ASP A 29 -1.91 3.51 -4.16
N ILE A 30 -2.99 2.74 -4.32
CA ILE A 30 -3.94 3.02 -5.40
C ILE A 30 -4.44 4.47 -5.35
N ARG A 31 -4.83 4.97 -4.17
CA ARG A 31 -5.28 6.36 -4.00
C ARG A 31 -4.15 7.38 -4.24
N GLN A 32 -2.94 7.12 -3.71
CA GLN A 32 -1.73 7.87 -4.04
C GLN A 32 -1.55 8.00 -5.58
N ALA A 33 -1.74 6.90 -6.32
CA ALA A 33 -1.55 6.81 -7.76
C ALA A 33 -2.64 7.47 -8.64
N HIS A 34 -3.31 8.53 -8.15
CA HIS A 34 -4.15 9.44 -8.93
C HIS A 34 -3.63 10.89 -8.89
N CYS A 35 -2.39 11.07 -8.43
CA CYS A 35 -1.68 12.33 -8.31
C CYS A 35 -1.48 13.07 -9.66
N CYS A 1 -1.96 10.49 -2.22
CA CYS A 1 -1.09 10.99 -3.28
C CYS A 1 0.33 10.36 -3.19
N THR A 2 1.31 11.04 -3.79
CA THR A 2 2.70 10.74 -4.17
C THR A 2 3.52 9.99 -3.10
N ARG A 3 4.72 10.45 -2.78
CA ARG A 3 5.51 9.99 -1.66
C ARG A 3 5.34 11.07 -0.57
N PRO A 4 4.24 11.04 0.21
CA PRO A 4 4.06 11.93 1.34
C PRO A 4 4.78 11.34 2.56
N ASN A 5 4.03 11.04 3.63
CA ASN A 5 4.50 10.71 4.97
C ASN A 5 3.44 9.91 5.78
N ASN A 6 2.33 9.54 5.14
CA ASN A 6 1.08 9.10 5.75
C ASN A 6 0.33 8.05 4.89
N ASN A 7 -0.13 6.94 5.47
CA ASN A 7 -0.83 5.84 4.79
C ASN A 7 0.07 5.01 3.84
N THR A 8 1.13 5.62 3.27
CA THR A 8 2.22 4.92 2.57
C THR A 8 3.11 4.18 3.59
N ARG A 9 2.52 3.19 4.25
CA ARG A 9 3.05 2.40 5.37
C ARG A 9 3.39 0.95 4.97
N LYS A 10 4.09 0.26 5.88
CA LYS A 10 4.74 -1.05 5.67
C LYS A 10 3.86 -2.26 6.06
N SER A 11 3.05 -2.77 5.12
CA SER A 11 2.31 -4.04 5.20
C SER A 11 2.59 -4.90 3.96
N ILE A 12 3.89 -5.10 3.70
CA ILE A 12 4.47 -5.69 2.49
C ILE A 12 4.55 -7.23 2.48
N HIS A 13 4.60 -7.82 3.67
CA HIS A 13 4.89 -9.20 4.01
C HIS A 13 3.99 -10.26 3.33
N ILE A 14 2.95 -10.69 4.05
CA ILE A 14 2.02 -11.79 3.74
C ILE A 14 2.77 -13.13 3.48
N GLY A 15 3.42 -13.24 2.32
CA GLY A 15 4.34 -14.31 1.92
C GLY A 15 3.80 -15.09 0.72
N PRO A 16 3.03 -16.18 0.95
CA PRO A 16 2.39 -16.94 -0.12
C PRO A 16 1.29 -16.13 -0.82
N GLY A 17 0.35 -15.63 -0.03
CA GLY A 17 -0.80 -14.83 -0.45
C GLY A 17 -0.47 -13.40 -0.90
N ARG A 18 0.69 -13.22 -1.55
CA ARG A 18 1.25 -11.90 -1.85
C ARG A 18 0.28 -11.02 -2.66
N ALA A 19 -0.50 -11.61 -3.58
CA ALA A 19 -1.43 -10.88 -4.44
C ALA A 19 -2.69 -10.36 -3.72
N PHE A 20 -2.91 -10.69 -2.44
CA PHE A 20 -3.92 -10.04 -1.62
C PHE A 20 -3.28 -8.94 -0.75
N TYR A 21 -1.94 -8.79 -0.76
CA TYR A 21 -1.04 -7.73 -0.23
C TYR A 21 -1.45 -6.92 1.01
N THR A 22 -2.49 -7.33 1.73
CA THR A 22 -3.22 -6.54 2.72
C THR A 22 -3.88 -5.34 2.03
N THR A 23 -5.20 -5.21 2.17
CA THR A 23 -6.03 -4.17 1.54
C THR A 23 -5.43 -2.79 1.81
N GLY A 24 -5.26 -2.45 3.08
CA GLY A 24 -4.49 -1.30 3.56
C GLY A 24 -3.24 -0.95 2.70
N GLU A 25 -2.45 -1.94 2.23
CA GLU A 25 -1.30 -1.70 1.35
C GLU A 25 -1.72 -1.36 -0.08
N ILE A 26 -2.37 -2.30 -0.74
CA ILE A 26 -2.81 -2.25 -2.13
C ILE A 26 -3.67 -0.99 -2.41
N ILE A 27 -4.62 -0.73 -1.52
CA ILE A 27 -5.50 0.43 -1.50
C ILE A 27 -4.72 1.67 -1.03
N GLY A 28 -3.73 1.53 -0.14
CA GLY A 28 -2.76 2.60 0.13
C GLY A 28 -2.15 3.08 -1.20
N ASP A 29 -1.53 2.14 -1.93
CA ASP A 29 -0.89 2.30 -3.23
C ASP A 29 -1.80 2.94 -4.27
N ILE A 30 -2.98 2.35 -4.47
CA ILE A 30 -4.00 2.92 -5.33
C ILE A 30 -4.34 4.36 -4.92
N ARG A 31 -4.58 4.64 -3.63
CA ARG A 31 -4.84 6.01 -3.19
C ARG A 31 -3.66 6.95 -3.52
N GLN A 32 -2.41 6.52 -3.28
CA GLN A 32 -1.22 7.24 -3.80
C GLN A 32 -1.27 7.67 -5.28
N ALA A 33 -2.12 7.02 -6.09
CA ALA A 33 -2.36 7.35 -7.49
C ALA A 33 -3.83 7.57 -7.90
N HIS A 34 -4.68 7.88 -6.92
CA HIS A 34 -6.12 8.15 -7.09
C HIS A 34 -6.68 9.24 -6.17
N CYS A 35 -5.83 9.72 -5.26
CA CYS A 35 -5.92 10.88 -4.39
C CYS A 35 -6.67 12.09 -4.99
N CYS A 1 -0.73 7.93 -2.08
CA CYS A 1 -0.03 8.68 -3.12
C CYS A 1 1.01 7.82 -3.89
N THR A 2 1.92 8.51 -4.59
CA THR A 2 3.16 8.05 -5.24
C THR A 2 4.10 7.26 -4.30
N ARG A 3 5.41 7.60 -4.30
CA ARG A 3 6.47 7.06 -3.48
C ARG A 3 6.81 7.93 -2.21
N PRO A 4 5.87 8.51 -1.43
CA PRO A 4 6.21 9.46 -0.35
C PRO A 4 7.16 8.83 0.68
N ASN A 5 6.80 7.63 1.16
CA ASN A 5 7.63 6.70 1.93
C ASN A 5 9.12 6.71 1.52
N ASN A 6 9.37 6.78 0.19
CA ASN A 6 10.67 6.67 -0.44
C ASN A 6 11.50 5.42 -0.07
N ASN A 7 10.83 4.34 0.34
CA ASN A 7 11.29 3.07 0.94
C ASN A 7 10.91 2.88 2.43
N THR A 8 10.24 3.86 3.06
CA THR A 8 9.60 3.75 4.39
C THR A 8 8.30 2.90 4.27
N ARG A 9 8.43 1.69 3.70
CA ARG A 9 7.33 0.83 3.27
C ARG A 9 6.70 0.09 4.47
N LYS A 10 5.94 0.85 5.27
CA LYS A 10 5.20 0.41 6.47
C LYS A 10 3.98 -0.48 6.13
N SER A 11 4.25 -1.68 5.58
CA SER A 11 3.29 -2.77 5.38
C SER A 11 4.09 -4.08 5.36
N ILE A 12 4.58 -4.43 6.56
CA ILE A 12 5.57 -5.49 6.76
C ILE A 12 5.19 -6.88 6.29
N HIS A 13 3.90 -7.03 6.09
CA HIS A 13 3.20 -8.04 5.35
C HIS A 13 3.96 -8.54 4.12
N ILE A 14 4.31 -7.58 3.28
CA ILE A 14 4.72 -7.85 1.92
C ILE A 14 5.49 -6.72 1.20
N GLY A 15 5.58 -5.49 1.76
CA GLY A 15 6.06 -4.23 1.19
C GLY A 15 6.21 -4.17 -0.34
N PRO A 16 7.33 -4.71 -0.88
CA PRO A 16 7.53 -4.94 -2.32
C PRO A 16 6.31 -5.49 -3.09
N GLY A 17 5.72 -6.55 -2.54
CA GLY A 17 4.46 -7.17 -2.93
C GLY A 17 3.25 -6.28 -2.58
N ARG A 18 3.30 -5.03 -3.06
CA ARG A 18 2.33 -3.96 -2.89
C ARG A 18 0.88 -4.37 -3.25
N ALA A 19 0.69 -5.48 -3.96
CA ALA A 19 -0.59 -5.98 -4.47
C ALA A 19 -1.01 -7.31 -3.79
N PHE A 20 -0.31 -7.67 -2.71
CA PHE A 20 -0.64 -8.73 -1.77
C PHE A 20 -1.07 -8.12 -0.41
N TYR A 21 -1.09 -6.79 -0.31
CA TYR A 21 -1.52 -5.89 0.78
C TYR A 21 -2.82 -6.22 1.53
N THR A 22 -3.59 -7.19 1.04
CA THR A 22 -4.98 -7.47 1.43
C THR A 22 -5.96 -6.56 0.67
N THR A 23 -7.08 -7.09 0.19
CA THR A 23 -7.99 -6.44 -0.78
C THR A 23 -8.37 -5.01 -0.38
N GLY A 24 -9.09 -4.87 0.73
CA GLY A 24 -9.35 -3.58 1.39
C GLY A 24 -8.13 -2.63 1.39
N GLU A 25 -6.93 -3.12 1.67
CA GLU A 25 -5.71 -2.33 1.75
C GLU A 25 -5.19 -1.95 0.35
N ILE A 26 -5.12 -2.92 -0.57
CA ILE A 26 -4.71 -2.80 -1.96
C ILE A 26 -5.53 -1.68 -2.65
N ILE A 27 -6.86 -1.76 -2.48
CA ILE A 27 -7.88 -0.81 -2.94
C ILE A 27 -7.72 0.54 -2.22
N GLY A 28 -7.67 0.56 -0.87
CA GLY A 28 -7.34 1.76 -0.10
C GLY A 28 -6.12 2.53 -0.66
N ASP A 29 -4.99 1.81 -0.81
CA ASP A 29 -3.75 2.26 -1.42
C ASP A 29 -3.96 2.82 -2.83
N ILE A 30 -4.64 2.03 -3.65
CA ILE A 30 -5.12 2.49 -4.97
C ILE A 30 -5.88 3.83 -4.87
N ARG A 31 -6.83 4.01 -3.94
CA ARG A 31 -7.51 5.29 -3.72
C ARG A 31 -6.51 6.43 -3.41
N GLN A 32 -5.59 6.20 -2.45
CA GLN A 32 -4.48 7.13 -2.23
C GLN A 32 -3.65 7.43 -3.49
N ALA A 33 -3.34 6.42 -4.31
CA ALA A 33 -2.46 6.54 -5.49
C ALA A 33 -3.09 7.31 -6.69
N HIS A 34 -4.12 8.13 -6.43
CA HIS A 34 -4.74 9.12 -7.31
C HIS A 34 -4.44 10.58 -6.87
N CYS A 35 -3.79 10.75 -5.71
CA CYS A 35 -3.19 11.96 -5.13
C CYS A 35 -2.50 12.87 -6.17
N CYS A 1 1.04 7.75 -3.61
CA CYS A 1 1.91 8.49 -4.51
C CYS A 1 2.84 7.53 -5.28
N THR A 2 3.92 8.09 -5.84
CA THR A 2 5.07 7.36 -6.41
C THR A 2 5.71 6.36 -5.42
N ARG A 3 6.93 5.93 -5.70
CA ARG A 3 7.69 4.92 -4.97
C ARG A 3 7.86 5.38 -3.49
N PRO A 4 7.29 4.65 -2.51
CA PRO A 4 7.14 5.10 -1.12
C PRO A 4 8.44 5.11 -0.28
N ASN A 5 9.32 6.10 -0.51
CA ASN A 5 10.60 6.27 0.20
C ASN A 5 10.50 7.03 1.54
N ASN A 6 10.00 8.26 1.45
CA ASN A 6 10.00 9.36 2.44
C ASN A 6 9.28 9.09 3.78
N ASN A 7 9.56 7.97 4.46
CA ASN A 7 8.90 7.55 5.70
C ASN A 7 7.38 7.38 5.60
N THR A 8 6.80 7.45 4.39
CA THR A 8 5.38 7.24 4.09
C THR A 8 4.90 5.79 4.26
N ARG A 9 5.62 4.97 5.03
CA ARG A 9 5.49 3.51 5.17
C ARG A 9 4.17 3.07 5.87
N LYS A 10 3.00 3.37 5.29
CA LYS A 10 1.68 3.08 5.90
C LYS A 10 1.29 1.58 5.88
N SER A 11 2.09 0.73 6.54
CA SER A 11 2.00 -0.74 6.48
C SER A 11 1.94 -1.28 5.05
N ILE A 12 2.85 -0.76 4.24
CA ILE A 12 3.18 -1.15 2.91
C ILE A 12 4.64 -1.65 2.87
N HIS A 13 4.70 -2.93 3.12
CA HIS A 13 5.81 -3.84 3.32
C HIS A 13 6.31 -4.51 2.03
N ILE A 14 5.70 -5.64 1.73
CA ILE A 14 6.01 -6.59 0.66
C ILE A 14 6.15 -5.96 -0.75
N GLY A 15 7.08 -6.50 -1.56
CA GLY A 15 7.23 -6.19 -2.98
C GLY A 15 6.71 -7.34 -3.87
N PRO A 16 7.38 -8.51 -3.90
CA PRO A 16 7.02 -9.66 -4.74
C PRO A 16 5.55 -10.10 -4.65
N GLY A 17 5.06 -10.29 -3.43
CA GLY A 17 3.70 -10.73 -3.11
C GLY A 17 2.61 -9.67 -3.33
N ARG A 18 2.74 -8.87 -4.39
CA ARG A 18 1.94 -7.69 -4.72
C ARG A 18 0.43 -7.94 -4.61
N ALA A 19 -0.03 -9.06 -5.17
CA ALA A 19 -1.43 -9.46 -5.25
C ALA A 19 -2.00 -10.20 -4.01
N PHE A 20 -1.23 -10.29 -2.91
CA PHE A 20 -1.73 -10.74 -1.60
C PHE A 20 -1.31 -9.77 -0.47
N TYR A 21 -1.18 -8.49 -0.83
CA TYR A 21 -1.01 -7.32 0.04
C TYR A 21 -2.11 -7.07 1.06
N THR A 22 -3.21 -7.81 0.99
CA THR A 22 -4.44 -7.52 1.75
C THR A 22 -5.23 -6.37 1.09
N THR A 23 -6.51 -6.60 0.81
CA THR A 23 -7.39 -5.75 -0.04
C THR A 23 -7.36 -4.29 0.38
N GLY A 24 -7.75 -4.01 1.63
CA GLY A 24 -7.55 -2.72 2.28
C GLY A 24 -6.20 -2.03 1.93
N GLU A 25 -5.08 -2.79 1.88
CA GLU A 25 -3.76 -2.23 1.57
C GLU A 25 -3.62 -1.86 0.09
N ILE A 26 -3.85 -2.84 -0.78
CA ILE A 26 -3.75 -2.71 -2.23
C ILE A 26 -4.64 -1.56 -2.75
N ILE A 27 -5.89 -1.51 -2.28
CA ILE A 27 -6.85 -0.42 -2.53
C ILE A 27 -6.34 0.90 -1.91
N GLY A 28 -5.84 0.87 -0.66
CA GLY A 28 -5.12 2.01 -0.04
C GLY A 28 -4.01 2.57 -0.95
N ASP A 29 -3.18 1.68 -1.50
CA ASP A 29 -2.14 1.93 -2.48
C ASP A 29 -2.68 2.57 -3.76
N ILE A 30 -3.75 1.98 -4.30
CA ILE A 30 -4.46 2.55 -5.43
C ILE A 30 -4.93 4.01 -5.15
N ARG A 31 -5.61 4.30 -4.03
CA ARG A 31 -6.01 5.70 -3.72
C ARG A 31 -4.80 6.61 -3.50
N GLN A 32 -3.78 6.14 -2.78
CA GLN A 32 -2.48 6.81 -2.67
C GLN A 32 -1.97 7.20 -4.08
N ALA A 33 -2.00 6.28 -5.05
CA ALA A 33 -1.46 6.47 -6.41
C ALA A 33 -2.30 7.39 -7.35
N HIS A 34 -2.89 8.45 -6.75
CA HIS A 34 -3.51 9.62 -7.38
C HIS A 34 -3.10 10.95 -6.70
N CYS A 35 -2.22 10.88 -5.69
CA CYS A 35 -1.50 11.96 -5.01
C CYS A 35 -1.10 13.14 -5.94
N CYS A 1 0.73 8.31 -1.71
CA CYS A 1 1.25 8.36 -3.07
C CYS A 1 1.49 6.94 -3.64
N THR A 2 2.31 6.87 -4.69
CA THR A 2 2.78 5.69 -5.45
C THR A 2 3.42 4.58 -4.60
N ARG A 3 4.52 4.01 -5.08
CA ARG A 3 5.39 3.05 -4.47
C ARG A 3 6.85 3.55 -4.56
N PRO A 4 7.24 4.64 -3.86
CA PRO A 4 8.59 5.17 -3.93
C PRO A 4 9.42 4.63 -2.74
N ASN A 5 9.27 5.25 -1.58
CA ASN A 5 9.98 5.04 -0.32
C ASN A 5 9.08 5.33 0.91
N ASN A 6 8.72 6.60 1.12
CA ASN A 6 7.72 7.08 2.09
C ASN A 6 6.26 6.68 1.69
N ASN A 7 5.24 7.30 2.32
CA ASN A 7 3.77 7.33 2.08
C ASN A 7 3.06 5.96 2.12
N THR A 8 3.52 5.08 1.25
CA THR A 8 2.98 3.75 0.92
C THR A 8 3.26 2.70 2.01
N ARG A 9 4.29 2.97 2.82
CA ARG A 9 4.93 2.09 3.78
C ARG A 9 4.00 1.94 5.01
N LYS A 10 2.83 1.31 4.81
CA LYS A 10 1.70 1.22 5.74
C LYS A 10 1.33 -0.27 5.93
N SER A 11 1.72 -0.90 7.06
CA SER A 11 1.64 -2.36 7.26
C SER A 11 2.51 -3.12 6.24
N ILE A 12 3.82 -2.87 6.32
CA ILE A 12 4.92 -3.23 5.39
C ILE A 12 5.24 -4.75 5.23
N HIS A 13 4.58 -5.60 6.01
CA HIS A 13 4.82 -7.01 6.25
C HIS A 13 5.42 -7.84 5.12
N ILE A 14 4.58 -8.17 4.16
CA ILE A 14 4.81 -9.08 3.04
C ILE A 14 5.95 -8.59 2.11
N GLY A 15 5.68 -7.64 1.20
CA GLY A 15 6.66 -7.02 0.32
C GLY A 15 6.43 -7.35 -1.18
N PRO A 16 6.97 -8.47 -1.69
CA PRO A 16 6.80 -8.86 -3.10
C PRO A 16 5.33 -9.04 -3.49
N GLY A 17 4.60 -9.75 -2.65
CA GLY A 17 3.16 -9.96 -2.74
C GLY A 17 2.28 -8.71 -2.53
N ARG A 18 2.78 -7.52 -2.87
CA ARG A 18 2.10 -6.23 -2.81
C ARG A 18 0.64 -6.31 -3.27
N ALA A 19 0.40 -6.92 -4.43
CA ALA A 19 -0.92 -7.03 -5.06
C ALA A 19 -1.88 -8.04 -4.36
N PHE A 20 -1.49 -8.58 -3.20
CA PHE A 20 -2.31 -9.35 -2.28
C PHE A 20 -1.95 -9.05 -0.81
N TYR A 21 -1.24 -7.95 -0.54
CA TYR A 21 -0.82 -7.50 0.80
C TYR A 21 -1.93 -6.82 1.63
N THR A 22 -3.12 -7.43 1.55
CA THR A 22 -4.40 -7.11 2.21
C THR A 22 -5.14 -5.96 1.54
N THR A 23 -6.41 -6.21 1.15
CA THR A 23 -7.25 -5.35 0.30
C THR A 23 -7.32 -3.93 0.85
N GLY A 24 -7.82 -3.78 2.08
CA GLY A 24 -7.73 -2.55 2.86
C GLY A 24 -6.40 -1.77 2.68
N GLU A 25 -5.24 -2.47 2.61
CA GLU A 25 -3.93 -1.85 2.40
C GLU A 25 -3.75 -1.39 0.96
N ILE A 26 -3.80 -2.33 0.01
CA ILE A 26 -3.59 -2.12 -1.43
C ILE A 26 -4.53 -1.02 -1.98
N ILE A 27 -5.81 -1.11 -1.62
CA ILE A 27 -6.85 -0.16 -1.98
C ILE A 27 -6.65 1.16 -1.20
N GLY A 28 -6.30 1.11 0.10
CA GLY A 28 -5.84 2.30 0.82
C GLY A 28 -4.73 3.03 0.04
N ASP A 29 -3.73 2.26 -0.42
CA ASP A 29 -2.62 2.66 -1.28
C ASP A 29 -3.10 3.33 -2.57
N ILE A 30 -3.98 2.67 -3.31
CA ILE A 30 -4.67 3.28 -4.45
C ILE A 30 -5.26 4.66 -4.09
N ARG A 31 -5.99 4.78 -2.97
CA ARG A 31 -6.49 6.07 -2.47
C ARG A 31 -5.35 7.09 -2.22
N GLN A 32 -4.26 6.70 -1.55
CA GLN A 32 -3.05 7.52 -1.48
C GLN A 32 -2.46 7.90 -2.87
N ALA A 33 -2.51 7.00 -3.85
CA ALA A 33 -1.84 7.10 -5.16
C ALA A 33 -2.45 8.13 -6.13
N HIS A 34 -3.31 9.02 -5.63
CA HIS A 34 -3.82 10.22 -6.29
C HIS A 34 -3.05 11.50 -5.88
N CYS A 35 -2.12 11.40 -4.92
CA CYS A 35 -1.12 12.39 -4.48
C CYS A 35 -0.53 13.32 -5.56
N CYS A 1 -4.45 12.66 -3.86
CA CYS A 1 -3.69 11.72 -3.04
C CYS A 1 -4.04 11.82 -1.53
N THR A 2 -3.35 11.00 -0.70
CA THR A 2 -3.36 11.10 0.76
C THR A 2 -1.94 11.05 1.36
N ARG A 3 -1.94 11.03 2.70
CA ARG A 3 -0.86 10.78 3.65
C ARG A 3 0.13 9.71 3.14
N PRO A 4 1.42 10.03 2.94
CA PRO A 4 2.40 9.15 2.28
C PRO A 4 2.47 7.76 2.94
N ASN A 5 2.63 6.70 2.11
CA ASN A 5 2.44 5.28 2.43
C ASN A 5 2.75 4.82 3.87
N ASN A 6 1.82 5.11 4.79
CA ASN A 6 1.78 4.58 6.15
C ASN A 6 3.14 4.81 6.84
N ASN A 7 3.37 6.07 7.22
CA ASN A 7 4.63 6.67 7.68
C ASN A 7 5.73 6.57 6.58
N THR A 8 5.33 6.86 5.33
CA THR A 8 6.16 7.01 4.11
C THR A 8 6.76 5.73 3.49
N ARG A 9 6.41 4.55 4.01
CA ARG A 9 7.06 3.28 3.66
C ARG A 9 6.49 2.61 2.38
N LYS A 10 5.74 1.51 2.56
CA LYS A 10 5.21 0.48 1.65
C LYS A 10 5.26 -0.87 2.39
N SER A 11 4.32 -1.78 2.13
CA SER A 11 4.27 -3.11 2.77
C SER A 11 3.65 -4.17 1.86
N ILE A 12 4.22 -4.25 0.66
CA ILE A 12 3.94 -5.22 -0.43
C ILE A 12 4.55 -6.63 -0.23
N HIS A 13 5.37 -6.80 0.81
CA HIS A 13 6.23 -7.93 1.07
C HIS A 13 5.54 -9.31 1.08
N ILE A 14 5.31 -9.82 2.29
CA ILE A 14 4.53 -11.03 2.58
C ILE A 14 4.95 -12.22 1.68
N GLY A 15 4.01 -12.94 1.07
CA GLY A 15 4.28 -14.13 0.27
C GLY A 15 3.12 -15.16 0.34
N PRO A 16 2.82 -15.75 1.51
CA PRO A 16 1.61 -16.54 1.70
C PRO A 16 0.35 -15.72 1.37
N GLY A 17 0.24 -14.56 2.01
CA GLY A 17 -0.79 -13.54 1.75
C GLY A 17 -0.56 -12.72 0.49
N ARG A 18 -0.16 -13.38 -0.61
CA ARG A 18 0.32 -12.79 -1.86
C ARG A 18 -0.54 -11.68 -2.49
N ALA A 19 -1.85 -11.75 -2.26
CA ALA A 19 -2.88 -10.81 -2.67
C ALA A 19 -3.82 -10.41 -1.51
N PHE A 20 -3.29 -10.35 -0.28
CA PHE A 20 -3.96 -9.77 0.88
C PHE A 20 -2.96 -9.05 1.80
N TYR A 21 -2.03 -8.32 1.18
CA TYR A 21 -1.12 -7.35 1.84
C TYR A 21 -1.84 -6.10 2.36
N THR A 22 -3.12 -6.23 2.74
CA THR A 22 -3.89 -5.25 3.50
C THR A 22 -4.34 -4.02 2.70
N THR A 23 -5.65 -3.73 2.69
CA THR A 23 -6.29 -2.61 1.97
C THR A 23 -5.59 -1.28 2.28
N GLY A 24 -5.52 -0.98 3.57
CA GLY A 24 -4.69 0.10 4.15
C GLY A 24 -3.33 0.31 3.45
N GLU A 25 -2.68 -0.77 2.95
CA GLU A 25 -1.52 -0.74 2.04
C GLU A 25 -1.90 -0.49 0.57
N ILE A 26 -2.54 -1.51 -0.04
CA ILE A 26 -2.80 -1.63 -1.48
C ILE A 26 -3.64 -0.45 -1.98
N ILE A 27 -4.80 -0.27 -1.36
CA ILE A 27 -5.69 0.88 -1.55
C ILE A 27 -4.98 2.12 -0.98
N GLY A 28 -4.35 1.96 0.19
CA GLY A 28 -3.42 2.90 0.82
C GLY A 28 -2.66 3.74 -0.20
N ASP A 29 -1.94 3.04 -1.07
CA ASP A 29 -1.14 3.43 -2.23
C ASP A 29 -1.97 3.83 -3.46
N ILE A 30 -2.81 2.91 -3.92
CA ILE A 30 -3.57 3.08 -5.18
C ILE A 30 -4.32 4.43 -5.23
N ARG A 31 -4.92 4.87 -4.11
CA ARG A 31 -5.53 6.20 -4.03
C ARG A 31 -4.53 7.36 -4.20
N GLN A 32 -3.30 7.24 -3.66
CA GLN A 32 -2.20 8.18 -3.86
C GLN A 32 -1.80 8.35 -5.34
N ALA A 33 -1.94 7.28 -6.13
CA ALA A 33 -1.78 7.34 -7.58
C ALA A 33 -2.93 8.00 -8.35
N HIS A 34 -4.04 8.38 -7.69
CA HIS A 34 -5.19 9.03 -8.32
C HIS A 34 -5.14 10.58 -8.21
N CYS A 35 -3.94 11.11 -7.93
CA CYS A 35 -3.67 12.50 -7.58
C CYS A 35 -3.47 13.43 -8.79
N CYS A 1 -4.62 12.67 -5.45
CA CYS A 1 -4.21 11.92 -4.26
C CYS A 1 -4.15 12.78 -2.97
N THR A 2 -4.03 12.06 -1.85
CA THR A 2 -3.74 12.62 -0.51
C THR A 2 -2.22 12.80 -0.30
N ARG A 3 -1.77 12.65 0.94
CA ARG A 3 -0.39 12.54 1.36
C ARG A 3 -0.16 11.03 1.61
N PRO A 4 0.22 10.23 0.58
CA PRO A 4 0.49 8.80 0.71
C PRO A 4 1.81 8.58 1.47
N ASN A 5 2.94 8.33 0.79
CA ASN A 5 4.30 8.33 1.34
C ASN A 5 4.41 7.86 2.81
N ASN A 6 4.63 8.77 3.79
CA ASN A 6 4.97 8.37 5.16
C ASN A 6 6.16 7.38 5.05
N ASN A 7 6.09 6.21 5.68
CA ASN A 7 7.01 5.13 5.35
C ASN A 7 6.18 4.34 4.30
N THR A 8 5.07 3.73 4.74
CA THR A 8 4.09 2.86 4.06
C THR A 8 4.64 1.65 3.29
N ARG A 9 5.87 1.73 2.77
CA ARG A 9 6.61 0.60 2.20
C ARG A 9 6.98 -0.43 3.29
N LYS A 10 5.95 -1.19 3.71
CA LYS A 10 5.94 -2.17 4.81
C LYS A 10 5.68 -3.61 4.30
N SER A 11 6.31 -4.01 3.20
CA SER A 11 6.08 -5.30 2.49
C SER A 11 6.90 -6.45 3.08
N ILE A 12 6.99 -6.43 4.41
CA ILE A 12 7.62 -7.45 5.25
C ILE A 12 6.64 -8.49 5.81
N HIS A 13 5.34 -8.16 5.81
CA HIS A 13 4.23 -8.96 6.26
C HIS A 13 3.81 -10.03 5.23
N ILE A 14 2.70 -9.80 4.57
CA ILE A 14 2.05 -10.73 3.64
C ILE A 14 2.72 -10.64 2.25
N GLY A 15 4.01 -10.98 2.22
CA GLY A 15 4.88 -10.98 1.03
C GLY A 15 4.40 -11.90 -0.10
N PRO A 16 4.35 -13.23 0.10
CA PRO A 16 3.84 -14.18 -0.90
C PRO A 16 2.39 -13.88 -1.31
N GLY A 17 1.56 -13.63 -0.30
CA GLY A 17 0.15 -13.24 -0.44
C GLY A 17 -0.05 -11.80 -0.94
N ARG A 18 0.74 -11.38 -1.94
CA ARG A 18 0.69 -10.07 -2.59
C ARG A 18 -0.75 -9.65 -2.95
N ALA A 19 -1.54 -10.59 -3.49
CA ALA A 19 -2.93 -10.38 -3.88
C ALA A 19 -3.93 -10.31 -2.68
N PHE A 20 -3.44 -10.32 -1.44
CA PHE A 20 -4.17 -10.05 -0.20
C PHE A 20 -3.25 -9.36 0.83
N TYR A 21 -2.29 -8.56 0.33
CA TYR A 21 -1.28 -7.73 1.00
C TYR A 21 -1.66 -6.90 2.24
N THR A 22 -2.93 -6.88 2.62
CA THR A 22 -3.56 -5.98 3.59
C THR A 22 -3.89 -4.62 2.94
N THR A 23 -5.09 -4.13 3.18
CA THR A 23 -5.66 -2.88 2.64
C THR A 23 -4.71 -1.69 2.86
N GLY A 24 -4.36 -1.45 4.12
CA GLY A 24 -3.28 -0.53 4.50
C GLY A 24 -2.05 -0.56 3.54
N GLU A 25 -1.72 -1.72 2.95
CA GLU A 25 -0.78 -1.85 1.84
C GLU A 25 -1.42 -1.49 0.48
N ILE A 26 -2.25 -2.40 -0.03
CA ILE A 26 -2.82 -2.40 -1.39
C ILE A 26 -3.65 -1.13 -1.66
N ILE A 27 -4.60 -0.88 -0.76
CA ILE A 27 -5.46 0.30 -0.76
C ILE A 27 -4.63 1.54 -0.37
N GLY A 28 -3.70 1.41 0.60
CA GLY A 28 -2.71 2.45 0.89
C GLY A 28 -2.00 2.97 -0.38
N ASP A 29 -1.53 2.05 -1.21
CA ASP A 29 -1.02 2.29 -2.56
C ASP A 29 -2.03 3.01 -3.45
N ILE A 30 -3.21 2.39 -3.61
CA ILE A 30 -4.30 2.96 -4.42
C ILE A 30 -4.62 4.43 -4.05
N ARG A 31 -4.57 4.83 -2.77
CA ARG A 31 -4.74 6.24 -2.36
C ARG A 31 -3.77 7.22 -3.06
N GLN A 32 -2.58 6.76 -3.48
CA GLN A 32 -1.64 7.50 -4.32
C GLN A 32 -2.04 7.59 -5.81
N ALA A 33 -2.88 6.67 -6.31
CA ALA A 33 -3.15 6.47 -7.74
C ALA A 33 -4.33 7.25 -8.37
N HIS A 34 -5.13 7.98 -7.58
CA HIS A 34 -6.19 8.86 -8.09
C HIS A 34 -5.72 10.27 -8.48
N CYS A 35 -4.39 10.44 -8.58
CA CYS A 35 -3.66 11.68 -8.71
C CYS A 35 -3.50 12.19 -10.15
N CYS A 1 -3.72 14.87 -5.57
CA CYS A 1 -2.81 13.83 -5.10
C CYS A 1 -2.95 13.55 -3.60
N THR A 2 -2.19 12.54 -3.16
CA THR A 2 -1.93 12.22 -1.75
C THR A 2 -0.66 11.36 -1.65
N ARG A 3 -0.06 11.36 -0.46
CA ARG A 3 1.00 10.49 0.02
C ARG A 3 0.64 9.96 1.44
N PRO A 4 -0.47 9.21 1.61
CA PRO A 4 -1.01 8.84 2.91
C PRO A 4 -0.52 7.44 3.31
N ASN A 5 -0.58 7.07 4.59
CA ASN A 5 -0.10 5.82 5.17
C ASN A 5 1.31 5.33 4.75
N ASN A 6 1.51 4.88 3.49
CA ASN A 6 2.77 4.50 2.84
C ASN A 6 3.83 3.87 3.79
N ASN A 7 3.43 2.77 4.41
CA ASN A 7 4.22 1.94 5.33
C ASN A 7 4.68 2.62 6.65
N THR A 8 3.91 3.60 7.16
CA THR A 8 4.09 4.07 8.54
C THR A 8 3.96 2.86 9.51
N ARG A 9 3.09 1.91 9.13
CA ARG A 9 2.90 0.57 9.67
C ARG A 9 4.03 -0.46 9.47
N LYS A 10 5.11 -0.16 8.70
CA LYS A 10 6.10 -1.18 8.34
C LYS A 10 5.44 -2.27 7.46
N SER A 11 6.02 -3.47 7.38
CA SER A 11 5.37 -4.66 6.77
C SER A 11 5.25 -4.62 5.24
N ILE A 12 6.39 -4.43 4.58
CA ILE A 12 6.58 -4.50 3.12
C ILE A 12 6.47 -5.92 2.52
N HIS A 13 6.73 -6.93 3.35
CA HIS A 13 6.94 -8.34 3.06
C HIS A 13 5.76 -9.13 2.46
N ILE A 14 5.00 -9.79 3.33
CA ILE A 14 3.99 -10.81 2.97
C ILE A 14 4.70 -11.97 2.24
N GLY A 15 4.20 -12.45 1.08
CA GLY A 15 4.92 -13.40 0.22
C GLY A 15 3.96 -14.32 -0.55
N PRO A 16 3.59 -15.48 0.01
CA PRO A 16 2.58 -16.37 -0.59
C PRO A 16 1.25 -15.66 -0.87
N GLY A 17 0.90 -14.71 0.00
CA GLY A 17 -0.22 -13.80 -0.13
C GLY A 17 0.14 -12.37 -0.55
N ARG A 18 1.27 -12.16 -1.24
CA ARG A 18 1.71 -10.82 -1.66
C ARG A 18 0.61 -10.03 -2.37
N ALA A 19 -0.21 -10.68 -3.21
CA ALA A 19 -1.27 -10.01 -3.97
C ALA A 19 -2.48 -9.56 -3.13
N PHE A 20 -2.55 -9.89 -1.83
CA PHE A 20 -3.53 -9.26 -0.95
C PHE A 20 -2.93 -8.01 -0.28
N TYR A 21 -1.61 -7.75 -0.44
CA TYR A 21 -0.79 -6.56 -0.10
C TYR A 21 -1.07 -5.76 1.18
N THR A 22 -2.05 -6.17 1.97
CA THR A 22 -2.70 -5.39 3.02
C THR A 22 -3.53 -4.26 2.39
N THR A 23 -4.83 -4.23 2.69
CA THR A 23 -5.81 -3.30 2.10
C THR A 23 -5.32 -1.85 2.21
N GLY A 24 -5.04 -1.41 3.43
CA GLY A 24 -4.33 -0.16 3.73
C GLY A 24 -3.22 0.22 2.72
N GLU A 25 -2.42 -0.74 2.21
CA GLU A 25 -1.37 -0.51 1.21
C GLU A 25 -1.95 -0.26 -0.18
N ILE A 26 -2.62 -1.28 -0.73
CA ILE A 26 -3.23 -1.33 -2.06
C ILE A 26 -4.21 -0.16 -2.28
N ILE A 27 -5.06 0.08 -1.29
CA ILE A 27 -5.98 1.21 -1.22
C ILE A 27 -5.19 2.52 -0.99
N GLY A 28 -4.20 2.56 -0.09
CA GLY A 28 -3.27 3.69 0.00
C GLY A 28 -2.63 4.08 -1.35
N ASP A 29 -2.31 3.07 -2.17
CA ASP A 29 -1.85 3.18 -3.55
C ASP A 29 -2.92 3.81 -4.45
N ILE A 30 -4.13 3.27 -4.41
CA ILE A 30 -5.28 3.92 -5.05
C ILE A 30 -5.39 5.41 -4.67
N ARG A 31 -5.38 5.74 -3.36
CA ARG A 31 -5.45 7.12 -2.86
C ARG A 31 -4.30 8.02 -3.40
N GLN A 32 -3.08 7.47 -3.50
CA GLN A 32 -1.98 8.11 -4.23
C GLN A 32 -2.32 8.35 -5.72
N ALA A 33 -2.86 7.33 -6.39
CA ALA A 33 -3.04 7.25 -7.84
C ALA A 33 -4.16 8.12 -8.46
N HIS A 34 -4.69 9.12 -7.76
CA HIS A 34 -5.57 10.16 -8.32
C HIS A 34 -4.78 11.43 -8.72
N CYS A 35 -3.47 11.47 -8.43
CA CYS A 35 -2.55 12.56 -8.69
C CYS A 35 -2.49 13.01 -10.17
N CYS A 1 -5.27 12.74 -4.60
CA CYS A 1 -3.98 12.15 -4.27
C CYS A 1 -3.95 11.48 -2.88
N THR A 2 -2.77 10.95 -2.53
CA THR A 2 -2.39 10.49 -1.20
C THR A 2 -0.86 10.47 -1.05
N ARG A 3 -0.42 10.56 0.20
CA ARG A 3 0.96 10.41 0.68
C ARG A 3 1.03 9.32 1.80
N PRO A 4 0.71 8.05 1.51
CA PRO A 4 0.56 6.98 2.49
C PRO A 4 1.76 6.01 2.46
N ASN A 5 1.70 4.90 3.20
CA ASN A 5 2.64 3.76 3.19
C ASN A 5 4.14 4.05 2.94
N ASN A 6 4.63 5.21 3.42
CA ASN A 6 6.04 5.64 3.49
C ASN A 6 6.57 5.80 4.95
N ASN A 7 5.72 5.49 5.95
CA ASN A 7 5.90 5.68 7.39
C ASN A 7 5.26 4.49 8.14
N THR A 8 3.93 4.45 8.19
CA THR A 8 3.08 3.37 8.71
C THR A 8 2.99 2.24 7.66
N ARG A 9 4.16 1.64 7.33
CA ARG A 9 4.27 0.60 6.30
C ARG A 9 4.85 -0.70 6.88
N LYS A 10 6.18 -0.90 6.75
CA LYS A 10 6.93 -2.14 7.00
C LYS A 10 6.16 -3.44 6.68
N SER A 11 5.50 -3.47 5.51
CA SER A 11 4.59 -4.54 5.08
C SER A 11 4.69 -4.86 3.57
N ILE A 12 5.92 -4.99 3.10
CA ILE A 12 6.31 -5.49 1.77
C ILE A 12 6.34 -7.04 1.68
N HIS A 13 6.28 -7.69 2.85
CA HIS A 13 6.42 -9.10 3.13
C HIS A 13 5.41 -9.98 2.37
N ILE A 14 4.36 -10.41 3.06
CA ILE A 14 3.38 -11.43 2.61
C ILE A 14 4.08 -12.55 1.82
N GLY A 15 3.56 -12.94 0.64
CA GLY A 15 4.29 -13.83 -0.26
C GLY A 15 3.62 -14.01 -1.62
N PRO A 16 2.84 -15.09 -1.82
CA PRO A 16 1.96 -15.26 -2.97
C PRO A 16 0.79 -14.28 -2.90
N GLY A 17 0.20 -14.21 -1.71
CA GLY A 17 -0.90 -13.31 -1.35
C GLY A 17 -0.48 -11.84 -1.23
N ARG A 18 0.65 -11.43 -1.82
CA ARG A 18 1.04 -10.03 -1.80
C ARG A 18 0.03 -9.12 -2.54
N ALA A 19 -0.88 -9.71 -3.34
CA ALA A 19 -2.03 -9.03 -3.95
C ALA A 19 -3.14 -8.67 -2.94
N PHE A 20 -2.97 -9.05 -1.67
CA PHE A 20 -3.72 -8.60 -0.51
C PHE A 20 -2.69 -8.07 0.52
N TYR A 21 -1.76 -7.23 0.02
CA TYR A 21 -0.68 -6.42 0.61
C TYR A 21 -0.97 -5.62 1.90
N THR A 22 -2.15 -5.81 2.47
CA THR A 22 -2.81 -5.02 3.52
C THR A 22 -3.52 -3.84 2.84
N THR A 23 -4.83 -3.77 3.04
CA THR A 23 -5.76 -2.86 2.36
C THR A 23 -5.27 -1.41 2.45
N GLY A 24 -5.11 -0.92 3.68
CA GLY A 24 -4.43 0.34 4.00
C GLY A 24 -3.20 0.67 3.09
N GLU A 25 -2.41 -0.34 2.68
CA GLU A 25 -1.32 -0.18 1.71
C GLU A 25 -1.86 -0.03 0.27
N ILE A 26 -2.40 -1.14 -0.24
CA ILE A 26 -2.83 -1.32 -1.63
C ILE A 26 -3.82 -0.21 -2.03
N ILE A 27 -4.84 -0.01 -1.20
CA ILE A 27 -5.86 1.03 -1.36
C ILE A 27 -5.25 2.43 -1.15
N GLY A 28 -4.39 2.62 -0.12
CA GLY A 28 -3.66 3.88 0.07
C GLY A 28 -2.91 4.32 -1.19
N ASP A 29 -2.17 3.39 -1.80
CA ASP A 29 -1.48 3.59 -3.06
C ASP A 29 -2.42 3.78 -4.26
N ILE A 30 -3.49 3.00 -4.33
CA ILE A 30 -4.53 3.19 -5.32
C ILE A 30 -5.11 4.63 -5.31
N ARG A 31 -5.45 5.23 -4.15
CA ARG A 31 -5.78 6.66 -4.14
C ARG A 31 -4.58 7.56 -4.53
N GLN A 32 -3.36 7.31 -4.01
CA GLN A 32 -2.14 7.97 -4.49
C GLN A 32 -2.01 8.00 -6.03
N ALA A 33 -2.36 6.90 -6.71
CA ALA A 33 -2.34 6.80 -8.17
C ALA A 33 -3.50 7.50 -8.91
N HIS A 34 -4.47 8.08 -8.18
CA HIS A 34 -5.54 8.91 -8.73
C HIS A 34 -5.22 10.42 -8.67
N CYS A 35 -3.97 10.77 -8.36
CA CYS A 35 -3.46 12.13 -8.18
C CYS A 35 -3.47 12.98 -9.47
N CYS A 1 -2.62 13.54 -5.28
CA CYS A 1 -1.99 12.46 -4.51
C CYS A 1 -1.79 12.82 -3.02
N THR A 2 -1.78 11.78 -2.18
CA THR A 2 -1.32 11.88 -0.78
C THR A 2 0.18 11.60 -0.65
N ARG A 3 0.64 11.52 0.60
CA ARG A 3 2.00 11.20 1.01
C ARG A 3 2.05 9.71 1.42
N PRO A 4 2.90 8.87 0.79
CA PRO A 4 2.86 7.40 0.94
C PRO A 4 3.37 6.91 2.31
N ASN A 5 2.65 5.94 2.91
CA ASN A 5 2.93 5.35 4.20
C ASN A 5 2.56 3.85 4.24
N ASN A 6 1.26 3.59 4.49
CA ASN A 6 0.54 2.31 4.56
C ASN A 6 0.59 1.53 3.22
N ASN A 7 1.82 1.20 2.79
CA ASN A 7 2.17 0.71 1.45
C ASN A 7 3.72 0.61 1.28
N THR A 8 4.42 1.63 1.80
CA THR A 8 5.86 1.92 1.73
C THR A 8 6.59 1.51 3.02
N ARG A 9 6.03 1.89 4.18
CA ARG A 9 6.65 1.82 5.49
C ARG A 9 5.75 1.03 6.45
N LYS A 10 6.37 0.26 7.36
CA LYS A 10 5.74 -0.74 8.23
C LYS A 10 4.55 -1.51 7.63
N SER A 11 4.63 -1.85 6.32
CA SER A 11 3.60 -2.53 5.51
C SER A 11 4.20 -2.98 4.16
N ILE A 12 5.25 -3.81 4.22
CA ILE A 12 6.10 -4.17 3.07
C ILE A 12 6.24 -5.69 2.79
N HIS A 13 5.81 -6.51 3.75
CA HIS A 13 5.99 -7.95 3.91
C HIS A 13 5.13 -8.89 3.04
N ILE A 14 4.01 -9.36 3.60
CA ILE A 14 3.18 -10.44 3.02
C ILE A 14 4.05 -11.71 2.76
N GLY A 15 3.93 -12.33 1.58
CA GLY A 15 4.79 -13.42 1.10
C GLY A 15 4.07 -14.22 0.00
N PRO A 16 3.10 -15.07 0.36
CA PRO A 16 2.21 -15.69 -0.62
C PRO A 16 1.38 -14.62 -1.34
N GLY A 17 0.71 -13.78 -0.56
CA GLY A 17 -0.14 -12.68 -1.01
C GLY A 17 0.57 -11.44 -1.60
N ARG A 18 1.74 -11.63 -2.21
CA ARG A 18 2.56 -10.57 -2.80
C ARG A 18 1.84 -9.73 -3.89
N ALA A 19 0.67 -10.19 -4.39
CA ALA A 19 -0.25 -9.43 -5.24
C ALA A 19 -1.66 -9.21 -4.67
N PHE A 20 -1.99 -9.69 -3.47
CA PHE A 20 -3.24 -9.33 -2.80
C PHE A 20 -3.00 -8.38 -1.61
N TYR A 21 -1.73 -8.12 -1.22
CA TYR A 21 -1.20 -7.09 -0.31
C TYR A 21 -1.96 -6.64 0.94
N THR A 22 -3.13 -7.20 1.20
CA THR A 22 -4.12 -6.68 2.13
C THR A 22 -4.75 -5.41 1.53
N THR A 23 -6.08 -5.40 1.41
CA THR A 23 -6.85 -4.32 0.75
C THR A 23 -6.46 -2.96 1.32
N GLY A 24 -6.61 -2.80 2.63
CA GLY A 24 -6.06 -1.68 3.41
C GLY A 24 -4.71 -1.14 2.89
N GLU A 25 -3.76 -1.99 2.48
CA GLU A 25 -2.44 -1.56 1.95
C GLU A 25 -2.52 -1.02 0.52
N ILE A 26 -3.00 -1.85 -0.39
CA ILE A 26 -3.15 -1.59 -1.82
C ILE A 26 -4.01 -0.34 -2.05
N ILE A 27 -5.14 -0.25 -1.34
CA ILE A 27 -6.00 0.93 -1.25
C ILE A 27 -5.21 2.08 -0.56
N GLY A 28 -4.55 1.78 0.56
CA GLY A 28 -3.57 2.66 1.23
C GLY A 28 -2.70 3.45 0.24
N ASP A 29 -2.01 2.73 -0.66
CA ASP A 29 -1.25 3.19 -1.82
C ASP A 29 -2.10 3.99 -2.79
N ILE A 30 -3.17 3.37 -3.26
CA ILE A 30 -4.03 3.88 -4.33
C ILE A 30 -4.51 5.32 -4.12
N ARG A 31 -4.61 5.83 -2.87
CA ARG A 31 -4.85 7.28 -2.66
C ARG A 31 -3.82 8.17 -3.40
N GLN A 32 -2.56 7.75 -3.56
CA GLN A 32 -1.57 8.45 -4.38
C GLN A 32 -1.80 8.29 -5.90
N ALA A 33 -2.53 7.26 -6.32
CA ALA A 33 -2.66 6.83 -7.71
C ALA A 33 -3.84 7.45 -8.49
N HIS A 34 -4.51 8.47 -7.95
CA HIS A 34 -5.48 9.30 -8.65
C HIS A 34 -4.91 10.66 -9.15
N CYS A 35 -3.58 10.80 -9.08
CA CYS A 35 -2.84 12.04 -9.26
C CYS A 35 -2.52 12.35 -10.75
N CYS A 1 -1.97 11.75 -0.41
CA CYS A 1 -1.44 11.83 -1.77
C CYS A 1 -0.87 10.50 -2.29
N THR A 2 -0.06 10.63 -3.35
CA THR A 2 0.53 9.65 -4.26
C THR A 2 1.30 8.50 -3.54
N ARG A 3 2.51 8.25 -3.99
CA ARG A 3 3.46 7.24 -3.57
C ARG A 3 4.61 7.89 -2.72
N PRO A 4 4.37 8.80 -1.72
CA PRO A 4 5.42 9.41 -0.88
C PRO A 4 5.93 8.41 0.19
N ASN A 5 5.01 7.59 0.72
CA ASN A 5 5.21 6.40 1.54
C ASN A 5 5.89 5.30 0.69
N ASN A 6 7.00 5.63 0.04
CA ASN A 6 7.62 4.92 -1.11
C ASN A 6 7.57 3.38 -1.30
N ASN A 7 7.11 2.56 -0.36
CA ASN A 7 6.82 1.13 -0.56
C ASN A 7 5.40 0.69 -0.07
N THR A 8 4.69 1.55 0.67
CA THR A 8 3.42 1.31 1.40
C THR A 8 3.41 -0.05 2.13
N ARG A 9 4.13 -0.11 3.26
CA ARG A 9 4.40 -1.33 4.05
C ARG A 9 3.16 -1.83 4.81
N LYS A 10 2.94 -1.34 6.04
CA LYS A 10 1.83 -1.61 6.97
C LYS A 10 1.23 -3.05 6.98
N SER A 11 2.06 -4.06 6.72
CA SER A 11 1.69 -5.49 6.56
C SER A 11 2.96 -6.33 6.33
N ILE A 12 3.88 -6.29 7.30
CA ILE A 12 5.23 -6.88 7.27
C ILE A 12 5.29 -8.30 6.68
N HIS A 13 4.54 -9.19 7.31
CA HIS A 13 4.33 -10.60 7.00
C HIS A 13 4.06 -10.92 5.53
N ILE A 14 3.00 -10.28 5.04
CA ILE A 14 2.57 -10.25 3.64
C ILE A 14 3.58 -9.59 2.68
N GLY A 15 4.13 -8.43 3.09
CA GLY A 15 5.21 -7.67 2.46
C GLY A 15 5.92 -8.34 1.26
N PRO A 16 6.66 -9.44 1.49
CA PRO A 16 7.33 -10.24 0.47
C PRO A 16 6.58 -10.47 -0.84
N GLY A 17 5.34 -10.92 -0.74
CA GLY A 17 4.47 -11.22 -1.87
C GLY A 17 3.99 -9.97 -2.62
N ARG A 18 3.65 -8.91 -1.88
CA ARG A 18 3.19 -7.60 -2.37
C ARG A 18 1.69 -7.66 -2.71
N ALA A 19 1.40 -8.51 -3.69
CA ALA A 19 0.12 -8.64 -4.39
C ALA A 19 -1.00 -9.35 -3.59
N PHE A 20 -0.92 -9.26 -2.26
CA PHE A 20 -1.93 -9.62 -1.28
C PHE A 20 -1.81 -8.75 0.00
N TYR A 21 -1.25 -7.54 -0.14
CA TYR A 21 -1.16 -6.38 0.78
C TYR A 21 -2.33 -6.05 1.73
N THR A 22 -3.44 -6.77 1.62
CA THR A 22 -4.71 -6.48 2.26
C THR A 22 -5.42 -5.31 1.54
N THR A 23 -6.65 -5.56 1.10
CA THR A 23 -7.47 -4.66 0.27
C THR A 23 -7.54 -3.27 0.90
N GLY A 24 -8.01 -3.21 2.15
CA GLY A 24 -7.92 -2.03 3.02
C GLY A 24 -6.62 -1.20 2.85
N GLU A 25 -5.44 -1.83 2.70
CA GLU A 25 -4.16 -1.13 2.50
C GLU A 25 -4.02 -0.56 1.09
N ILE A 26 -4.03 -1.46 0.10
CA ILE A 26 -3.87 -1.19 -1.34
C ILE A 26 -4.89 -0.12 -1.80
N ILE A 27 -6.16 -0.33 -1.43
CA ILE A 27 -7.29 0.57 -1.67
C ILE A 27 -7.16 1.83 -0.78
N GLY A 28 -6.77 1.70 0.50
CA GLY A 28 -6.40 2.84 1.34
C GLY A 28 -5.39 3.79 0.65
N ASP A 29 -4.33 3.23 0.06
CA ASP A 29 -3.36 3.93 -0.78
C ASP A 29 -4.00 4.60 -1.99
N ILE A 30 -4.84 3.87 -2.71
CA ILE A 30 -5.65 4.50 -3.75
C ILE A 30 -6.45 5.70 -3.21
N ARG A 31 -7.15 5.60 -2.07
CA ARG A 31 -7.82 6.72 -1.38
C ARG A 31 -6.86 7.88 -1.10
N GLN A 32 -5.69 7.59 -0.54
CA GLN A 32 -4.56 8.50 -0.39
C GLN A 32 -4.28 9.26 -1.71
N ALA A 33 -4.17 8.54 -2.83
CA ALA A 33 -3.72 9.04 -4.12
C ALA A 33 -4.74 9.75 -5.04
N HIS A 34 -5.71 10.48 -4.47
CA HIS A 34 -6.58 11.42 -5.20
C HIS A 34 -6.32 12.91 -4.87
N CYS A 35 -5.16 13.21 -4.28
CA CYS A 35 -4.60 14.53 -3.96
C CYS A 35 -4.41 15.42 -5.21
N CYS A 1 0.37 10.45 -0.28
CA CYS A 1 0.35 10.82 -1.70
C CYS A 1 1.02 9.76 -2.60
N THR A 2 1.35 10.16 -3.85
CA THR A 2 1.85 9.37 -4.98
C THR A 2 3.05 8.47 -4.67
N ARG A 3 4.16 8.72 -5.39
CA ARG A 3 5.31 7.87 -5.56
C ARG A 3 5.50 6.94 -4.35
N PRO A 4 5.32 5.61 -4.56
CA PRO A 4 5.14 4.58 -3.54
C PRO A 4 5.98 4.89 -2.31
N ASN A 5 7.20 4.38 -2.17
CA ASN A 5 8.19 4.94 -1.24
C ASN A 5 7.65 5.71 -0.01
N ASN A 6 7.59 7.07 -0.07
CA ASN A 6 6.93 7.95 0.91
C ASN A 6 6.92 7.35 2.33
N ASN A 7 5.75 7.27 2.96
CA ASN A 7 5.60 6.42 4.11
C ASN A 7 5.42 4.99 3.53
N THR A 8 4.37 4.72 2.74
CA THR A 8 3.85 3.42 2.24
C THR A 8 3.90 2.21 3.19
N ARG A 9 4.34 2.39 4.43
CA ARG A 9 4.68 1.38 5.44
C ARG A 9 3.60 0.31 5.70
N LYS A 10 2.32 0.65 5.46
CA LYS A 10 1.21 -0.30 5.41
C LYS A 10 1.39 -1.27 4.22
N SER A 11 2.34 -2.20 4.40
CA SER A 11 2.93 -3.17 3.47
C SER A 11 4.16 -3.94 4.00
N ILE A 12 4.66 -3.57 5.18
CA ILE A 12 5.66 -4.24 6.00
C ILE A 12 5.72 -5.78 5.98
N HIS A 13 4.55 -6.40 6.03
CA HIS A 13 4.31 -7.82 6.23
C HIS A 13 4.68 -8.71 5.05
N ILE A 14 3.69 -9.11 4.27
CA ILE A 14 3.78 -10.14 3.23
C ILE A 14 4.41 -9.60 1.92
N GLY A 15 5.49 -8.80 2.05
CA GLY A 15 6.15 -8.00 1.01
C GLY A 15 6.06 -8.50 -0.45
N PRO A 16 6.65 -9.67 -0.77
CA PRO A 16 6.59 -10.26 -2.12
C PRO A 16 5.17 -10.60 -2.58
N GLY A 17 4.35 -11.09 -1.68
CA GLY A 17 2.94 -11.42 -1.89
C GLY A 17 2.07 -10.17 -1.91
N ARG A 18 2.37 -9.26 -2.84
CA ARG A 18 1.69 -7.97 -3.02
C ARG A 18 0.14 -8.05 -2.98
N ALA A 19 -0.44 -9.08 -3.62
CA ALA A 19 -1.89 -9.34 -3.65
C ALA A 19 -2.47 -9.92 -2.33
N PHE A 20 -1.61 -10.23 -1.36
CA PHE A 20 -1.92 -10.73 -0.01
C PHE A 20 -1.78 -9.61 1.05
N TYR A 21 -1.49 -8.36 0.63
CA TYR A 21 -1.40 -7.17 1.48
C TYR A 21 -2.70 -6.78 2.20
N THR A 22 -3.78 -7.48 1.89
CA THR A 22 -5.11 -7.20 2.45
C THR A 22 -5.72 -5.98 1.74
N THR A 23 -6.91 -6.18 1.17
CA THR A 23 -7.59 -5.27 0.22
C THR A 23 -7.66 -3.84 0.77
N GLY A 24 -8.35 -3.67 1.91
CA GLY A 24 -8.32 -2.45 2.70
C GLY A 24 -6.95 -1.73 2.72
N GLU A 25 -5.83 -2.46 2.82
CA GLU A 25 -4.48 -1.87 2.83
C GLU A 25 -4.04 -1.39 1.44
N ILE A 26 -4.02 -2.33 0.49
CA ILE A 26 -3.59 -2.11 -0.90
C ILE A 26 -4.38 -0.97 -1.54
N ILE A 27 -5.70 -0.99 -1.37
CA ILE A 27 -6.64 0.06 -1.77
C ILE A 27 -6.40 1.34 -0.96
N GLY A 28 -6.21 1.25 0.37
CA GLY A 28 -5.74 2.37 1.20
C GLY A 28 -4.50 3.09 0.60
N ASP A 29 -3.50 2.32 0.16
CA ASP A 29 -2.31 2.80 -0.52
C ASP A 29 -2.62 3.39 -1.91
N ILE A 30 -3.35 2.66 -2.73
CA ILE A 30 -3.80 3.12 -4.04
C ILE A 30 -4.55 4.46 -3.96
N ARG A 31 -5.51 4.62 -3.03
CA ARG A 31 -6.24 5.87 -2.84
C ARG A 31 -5.34 6.98 -2.24
N GLN A 32 -4.44 6.65 -1.29
CA GLN A 32 -3.36 7.55 -0.85
C GLN A 32 -2.63 8.14 -2.08
N ALA A 33 -2.23 7.29 -3.03
CA ALA A 33 -1.40 7.64 -4.17
C ALA A 33 -2.08 8.45 -5.30
N HIS A 34 -3.31 8.92 -5.06
CA HIS A 34 -4.14 9.72 -5.97
C HIS A 34 -4.26 11.21 -5.56
N CYS A 35 -3.61 11.58 -4.44
CA CYS A 35 -3.36 12.93 -3.94
C CYS A 35 -3.12 13.99 -5.03
N CYS A 1 -2.36 10.65 -2.14
CA CYS A 1 -1.56 10.76 -3.37
C CYS A 1 -0.84 9.43 -3.73
N THR A 2 0.22 9.59 -4.52
CA THR A 2 1.06 8.65 -5.29
C THR A 2 1.54 7.40 -4.51
N ARG A 3 2.83 7.09 -4.62
CA ARG A 3 3.55 6.03 -3.94
C ARG A 3 4.41 6.69 -2.84
N PRO A 4 3.82 7.28 -1.77
CA PRO A 4 4.55 7.99 -0.73
C PRO A 4 5.66 7.16 -0.07
N ASN A 5 5.47 5.83 0.05
CA ASN A 5 6.30 4.82 0.70
C ASN A 5 6.72 5.11 2.16
N ASN A 6 7.33 6.26 2.46
CA ASN A 6 7.61 6.80 3.81
C ASN A 6 6.47 6.51 4.83
N ASN A 7 6.62 5.42 5.60
CA ASN A 7 5.62 4.79 6.48
C ASN A 7 4.18 4.73 5.94
N THR A 8 4.06 4.47 4.64
CA THR A 8 2.80 4.15 3.99
C THR A 8 2.32 2.74 4.42
N ARG A 9 3.26 1.81 4.60
CA ARG A 9 3.09 0.39 4.93
C ARG A 9 3.01 0.08 6.44
N LYS A 10 1.82 -0.23 6.96
CA LYS A 10 1.60 -0.78 8.31
C LYS A 10 1.24 -2.30 8.22
N SER A 11 2.08 -3.03 7.47
CA SER A 11 2.05 -4.48 7.20
C SER A 11 3.24 -4.84 6.30
N ILE A 12 4.44 -4.50 6.76
CA ILE A 12 5.70 -4.55 5.99
C ILE A 12 6.00 -5.91 5.36
N HIS A 13 5.93 -6.93 6.21
CA HIS A 13 6.33 -8.32 6.05
C HIS A 13 5.79 -9.07 4.82
N ILE A 14 4.67 -9.74 5.04
CA ILE A 14 3.93 -10.58 4.08
C ILE A 14 4.87 -11.50 3.24
N GLY A 15 4.69 -11.56 1.91
CA GLY A 15 5.54 -12.31 0.98
C GLY A 15 4.71 -12.82 -0.22
N PRO A 16 3.91 -13.90 -0.05
CA PRO A 16 2.93 -14.30 -1.07
C PRO A 16 2.02 -13.15 -1.49
N GLY A 17 1.62 -12.34 -0.52
CA GLY A 17 0.89 -11.09 -0.67
C GLY A 17 1.69 -9.89 -1.23
N ARG A 18 2.84 -10.11 -1.88
CA ARG A 18 3.59 -9.09 -2.64
C ARG A 18 2.77 -8.37 -3.75
N ALA A 19 1.58 -8.87 -4.09
CA ALA A 19 0.58 -8.22 -4.95
C ALA A 19 -0.84 -8.28 -4.34
N PHE A 20 -0.93 -8.42 -3.01
CA PHE A 20 -2.13 -8.29 -2.19
C PHE A 20 -1.71 -7.94 -0.76
N TYR A 21 -1.09 -6.75 -0.63
CA TYR A 21 -0.54 -6.11 0.58
C TYR A 21 -1.52 -5.80 1.71
N THR A 22 -2.58 -6.58 1.79
CA THR A 22 -3.74 -6.33 2.62
C THR A 22 -4.54 -5.17 2.01
N THR A 23 -5.81 -5.43 1.70
CA THR A 23 -6.72 -4.55 0.95
C THR A 23 -6.74 -3.15 1.55
N GLY A 24 -7.10 -3.08 2.83
CA GLY A 24 -6.95 -1.89 3.69
C GLY A 24 -5.68 -1.05 3.41
N GLU A 25 -4.53 -1.65 3.09
CA GLU A 25 -3.29 -0.94 2.69
C GLU A 25 -3.34 -0.39 1.25
N ILE A 26 -3.40 -1.33 0.31
CA ILE A 26 -3.36 -1.11 -1.14
C ILE A 26 -4.45 -0.11 -1.57
N ILE A 27 -5.67 -0.36 -1.12
CA ILE A 27 -6.85 0.50 -1.29
C ILE A 27 -6.67 1.78 -0.45
N GLY A 28 -6.23 1.62 0.81
CA GLY A 28 -5.79 2.71 1.69
C GLY A 28 -4.95 3.77 0.98
N ASP A 29 -4.02 3.34 0.11
CA ASP A 29 -3.26 4.16 -0.82
C ASP A 29 -4.09 4.63 -2.01
N ILE A 30 -4.58 3.66 -2.79
CA ILE A 30 -5.27 3.93 -4.06
C ILE A 30 -6.35 5.02 -3.95
N ARG A 31 -7.12 5.06 -2.85
CA ARG A 31 -8.08 6.14 -2.60
C ARG A 31 -7.44 7.54 -2.46
N GLN A 32 -6.26 7.63 -1.85
CA GLN A 32 -5.42 8.83 -1.84
C GLN A 32 -4.85 9.13 -3.24
N ALA A 33 -4.50 8.10 -4.02
CA ALA A 33 -3.82 8.20 -5.33
C ALA A 33 -4.70 8.75 -6.47
N HIS A 34 -5.81 9.41 -6.11
CA HIS A 34 -6.68 10.22 -6.95
C HIS A 34 -6.44 11.74 -6.77
N CYS A 35 -5.57 12.11 -5.80
CA CYS A 35 -4.98 13.43 -5.54
C CYS A 35 -4.65 14.25 -6.80
N CYS A 1 -5.09 12.88 -4.34
CA CYS A 1 -3.91 12.11 -3.97
C CYS A 1 -3.97 11.56 -2.52
N THR A 2 -2.95 10.76 -2.20
CA THR A 2 -2.57 10.33 -0.85
C THR A 2 -1.14 9.78 -0.90
N ARG A 3 -0.47 9.78 0.24
CA ARG A 3 0.80 9.12 0.53
C ARG A 3 0.75 8.49 1.94
N PRO A 4 -0.09 7.46 2.18
CA PRO A 4 -0.39 6.94 3.53
C PRO A 4 0.60 5.89 4.04
N ASN A 5 1.13 5.05 3.14
CA ASN A 5 2.13 4.00 3.35
C ASN A 5 3.37 4.50 4.10
N ASN A 6 4.31 5.19 3.40
CA ASN A 6 5.45 5.86 4.03
C ASN A 6 6.13 4.99 5.14
N ASN A 7 6.34 5.53 6.35
CA ASN A 7 6.73 4.75 7.54
C ASN A 7 5.52 3.83 7.92
N THR A 8 4.68 4.17 8.92
CA THR A 8 3.35 3.69 9.27
C THR A 8 2.98 2.23 8.97
N ARG A 9 2.98 1.93 7.68
CA ARG A 9 2.47 0.77 6.99
C ARG A 9 3.38 -0.46 7.17
N LYS A 10 3.49 -0.91 8.43
CA LYS A 10 4.24 -2.09 8.87
C LYS A 10 3.92 -3.40 8.10
N SER A 11 4.92 -4.28 7.98
CA SER A 11 4.88 -5.52 7.16
C SER A 11 4.82 -5.21 5.65
N ILE A 12 5.89 -4.58 5.16
CA ILE A 12 5.99 -3.98 3.82
C ILE A 12 5.85 -4.93 2.63
N HIS A 13 6.47 -6.10 2.80
CA HIS A 13 6.75 -7.17 1.86
C HIS A 13 5.59 -8.12 1.49
N ILE A 14 5.48 -9.23 2.22
CA ILE A 14 4.63 -10.40 1.90
C ILE A 14 5.19 -11.07 0.61
N GLY A 15 4.34 -11.41 -0.38
CA GLY A 15 4.80 -11.90 -1.68
C GLY A 15 3.70 -12.67 -2.42
N PRO A 16 3.50 -13.97 -2.13
CA PRO A 16 2.36 -14.74 -2.64
C PRO A 16 1.02 -14.18 -2.15
N GLY A 17 0.99 -13.76 -0.89
CA GLY A 17 -0.11 -13.05 -0.21
C GLY A 17 -0.25 -11.60 -0.67
N ARG A 18 -0.28 -11.37 -1.99
CA ARG A 18 -0.49 -10.08 -2.64
C ARG A 18 -1.66 -9.30 -1.98
N ALA A 19 -2.81 -9.96 -1.82
CA ALA A 19 -4.01 -9.40 -1.21
C ALA A 19 -3.96 -9.26 0.33
N PHE A 20 -2.79 -9.39 0.97
CA PHE A 20 -2.50 -9.08 2.37
C PHE A 20 -1.59 -7.84 2.46
N TYR A 21 -1.23 -7.22 1.33
CA TYR A 21 -0.33 -6.07 1.17
C TYR A 21 -0.59 -4.84 2.01
N THR A 22 -1.61 -4.83 2.86
CA THR A 22 -1.96 -3.65 3.66
C THR A 22 -2.50 -2.52 2.78
N THR A 23 -3.70 -2.03 3.12
CA THR A 23 -4.46 -1.00 2.40
C THR A 23 -3.61 0.23 2.13
N GLY A 24 -3.01 0.79 3.19
CA GLY A 24 -1.94 1.80 3.10
C GLY A 24 -0.98 1.61 1.90
N GLU A 25 -0.63 0.37 1.53
CA GLU A 25 0.07 0.03 0.28
C GLU A 25 -0.87 0.05 -0.93
N ILE A 26 -1.74 -0.96 -1.01
CA ILE A 26 -2.60 -1.31 -2.15
C ILE A 26 -3.55 -0.17 -2.54
N ILE A 27 -4.31 0.28 -1.54
CA ILE A 27 -5.23 1.41 -1.60
C ILE A 27 -4.44 2.72 -1.61
N GLY A 28 -3.31 2.81 -0.88
CA GLY A 28 -2.38 3.94 -1.03
C GLY A 28 -1.96 4.15 -2.49
N ASP A 29 -1.67 3.05 -3.22
CA ASP A 29 -1.40 3.00 -4.65
C ASP A 29 -2.55 3.54 -5.48
N ILE A 30 -3.74 2.97 -5.25
CA ILE A 30 -4.96 3.42 -5.90
C ILE A 30 -5.20 4.94 -5.72
N ARG A 31 -5.01 5.47 -4.51
CA ARG A 31 -5.04 6.90 -4.20
C ARG A 31 -3.93 7.69 -4.93
N GLN A 32 -2.68 7.24 -4.80
CA GLN A 32 -1.49 7.78 -5.48
C GLN A 32 -1.74 7.89 -7.01
N ALA A 33 -2.46 6.91 -7.59
CA ALA A 33 -2.90 6.88 -8.98
C ALA A 33 -4.13 7.73 -9.34
N HIS A 34 -4.79 8.37 -8.35
CA HIS A 34 -5.88 9.31 -8.53
C HIS A 34 -5.44 10.77 -8.27
N CYS A 35 -4.12 11.02 -8.34
CA CYS A 35 -3.44 12.23 -7.95
C CYS A 35 -3.42 13.31 -9.06
N CYS A 1 -5.13 13.12 -5.28
CA CYS A 1 -4.11 12.38 -4.53
C CYS A 1 -4.63 11.94 -3.14
N THR A 2 -3.67 11.55 -2.29
CA THR A 2 -3.83 11.32 -0.86
C THR A 2 -2.49 11.52 -0.15
N ARG A 3 -2.43 10.99 1.05
CA ARG A 3 -1.25 10.77 1.87
C ARG A 3 -0.27 9.83 1.12
N PRO A 4 0.95 10.27 0.73
CA PRO A 4 1.88 9.45 -0.05
C PRO A 4 2.31 8.13 0.63
N ASN A 5 3.23 7.38 0.00
CA ASN A 5 3.57 6.01 0.40
C ASN A 5 4.09 5.94 1.83
N ASN A 6 4.99 6.85 2.15
CA ASN A 6 5.46 7.21 3.49
C ASN A 6 5.53 5.97 4.45
N ASN A 7 6.56 5.14 4.23
CA ASN A 7 6.75 3.81 4.81
C ASN A 7 5.62 2.77 4.58
N THR A 8 5.10 2.79 3.34
CA THR A 8 4.22 1.74 2.77
C THR A 8 4.80 0.33 3.02
N ARG A 9 6.14 0.26 3.10
CA ARG A 9 7.00 -0.84 3.54
C ARG A 9 6.48 -1.68 4.74
N LYS A 10 5.74 -1.09 5.69
CA LYS A 10 5.35 -1.75 6.94
C LYS A 10 4.63 -3.11 6.76
N SER A 11 4.73 -3.99 7.78
CA SER A 11 4.14 -5.33 7.83
C SER A 11 4.78 -6.28 6.79
N ILE A 12 6.00 -6.73 7.11
CA ILE A 12 6.86 -7.61 6.26
C ILE A 12 6.42 -9.08 6.08
N HIS A 13 5.28 -9.40 6.69
CA HIS A 13 4.45 -10.57 6.55
C HIS A 13 4.36 -11.19 5.16
N ILE A 14 4.31 -10.34 4.14
CA ILE A 14 3.93 -10.75 2.82
C ILE A 14 4.74 -10.17 1.64
N GLY A 15 4.57 -10.82 0.48
CA GLY A 15 5.11 -10.43 -0.82
C GLY A 15 4.37 -11.08 -2.00
N PRO A 16 4.74 -12.31 -2.40
CA PRO A 16 4.28 -12.98 -3.63
C PRO A 16 2.79 -12.89 -3.93
N GLY A 17 1.96 -13.23 -2.94
CA GLY A 17 0.50 -13.21 -3.03
C GLY A 17 -0.11 -11.84 -3.39
N ARG A 18 0.52 -10.72 -2.99
CA ARG A 18 0.20 -9.38 -3.48
C ARG A 18 -1.03 -8.67 -2.87
N ALA A 19 -2.00 -9.42 -2.31
CA ALA A 19 -3.33 -8.92 -1.92
C ALA A 19 -3.61 -8.94 -0.39
N PHE A 20 -2.68 -9.52 0.37
CA PHE A 20 -2.56 -9.51 1.82
C PHE A 20 -1.54 -8.44 2.29
N TYR A 21 -1.18 -7.50 1.40
CA TYR A 21 -0.39 -6.28 1.62
C TYR A 21 -0.91 -5.33 2.69
N THR A 22 -2.10 -5.62 3.21
CA THR A 22 -2.90 -4.76 4.09
C THR A 22 -3.57 -3.65 3.26
N THR A 23 -4.90 -3.57 3.33
CA THR A 23 -5.75 -2.72 2.50
C THR A 23 -5.28 -1.26 2.53
N GLY A 24 -5.25 -0.68 3.72
CA GLY A 24 -4.61 0.61 3.99
C GLY A 24 -3.28 0.88 3.23
N GLU A 25 -2.47 -0.15 2.94
CA GLU A 25 -1.29 -0.03 2.07
C GLU A 25 -1.66 0.04 0.58
N ILE A 26 -2.13 -1.09 0.06
CA ILE A 26 -2.46 -1.36 -1.34
C ILE A 26 -3.44 -0.29 -1.86
N ILE A 27 -4.56 -0.16 -1.14
CA ILE A 27 -5.66 0.76 -1.39
C ILE A 27 -5.22 2.22 -1.11
N GLY A 28 -4.40 2.47 -0.07
CA GLY A 28 -3.76 3.77 0.13
C GLY A 28 -2.98 4.23 -1.11
N ASP A 29 -2.12 3.35 -1.64
CA ASP A 29 -1.38 3.56 -2.88
C ASP A 29 -2.28 3.75 -4.10
N ILE A 30 -3.27 2.87 -4.27
CA ILE A 30 -4.31 3.07 -5.29
C ILE A 30 -4.90 4.50 -5.22
N ARG A 31 -5.34 4.96 -4.04
CA ARG A 31 -5.81 6.34 -3.83
C ARG A 31 -4.75 7.39 -4.24
N GLN A 32 -3.50 7.22 -3.79
CA GLN A 32 -2.37 8.03 -4.27
C GLN A 32 -2.28 8.08 -5.82
N ALA A 33 -2.50 6.96 -6.51
CA ALA A 33 -2.22 6.85 -7.94
C ALA A 33 -3.19 7.61 -8.88
N HIS A 34 -4.22 8.27 -8.35
CA HIS A 34 -5.08 9.21 -9.08
C HIS A 34 -4.53 10.66 -9.10
N CYS A 35 -3.41 10.92 -8.40
CA CYS A 35 -2.79 12.24 -8.24
C CYS A 35 -2.49 12.95 -9.58
N CYS A 1 -2.69 12.00 -6.58
CA CYS A 1 -2.11 10.88 -5.82
C CYS A 1 -2.72 10.84 -4.39
N THR A 2 -2.03 10.10 -3.51
CA THR A 2 -2.25 10.12 -2.07
C THR A 2 -0.93 10.22 -1.31
N ARG A 3 -1.05 10.12 0.00
CA ARG A 3 0.02 10.19 0.98
C ARG A 3 1.07 9.06 0.80
N PRO A 4 2.39 9.36 0.82
CA PRO A 4 3.43 8.42 0.41
C PRO A 4 3.54 7.17 1.29
N ASN A 5 4.16 7.27 2.48
CA ASN A 5 4.52 6.21 3.44
C ASN A 5 4.93 4.80 2.94
N ASN A 6 4.07 4.06 2.21
CA ASN A 6 4.26 2.71 1.64
C ASN A 6 4.78 1.57 2.56
N ASN A 7 5.16 1.86 3.81
CA ASN A 7 5.44 0.91 4.89
C ASN A 7 4.45 1.28 6.00
N THR A 8 4.37 2.58 6.35
CA THR A 8 3.41 3.28 7.22
C THR A 8 3.33 2.81 8.69
N ARG A 9 3.71 1.56 8.96
CA ARG A 9 3.96 0.99 10.28
C ARG A 9 4.94 -0.20 9.99
N LYS A 10 4.64 -1.39 10.53
CA LYS A 10 5.20 -2.72 10.24
C LYS A 10 4.13 -3.54 9.46
N SER A 11 4.43 -4.76 9.01
CA SER A 11 3.60 -5.53 8.07
C SER A 11 3.56 -4.77 6.72
N ILE A 12 4.68 -4.88 6.02
CA ILE A 12 5.07 -4.08 4.85
C ILE A 12 5.15 -4.85 3.51
N HIS A 13 5.97 -5.88 3.55
CA HIS A 13 6.51 -6.69 2.46
C HIS A 13 5.52 -7.56 1.66
N ILE A 14 5.43 -8.83 2.05
CA ILE A 14 4.76 -9.89 1.27
C ILE A 14 5.52 -10.10 -0.06
N GLY A 15 4.85 -10.16 -1.22
CA GLY A 15 5.50 -10.27 -2.53
C GLY A 15 4.51 -10.66 -3.63
N PRO A 16 4.18 -11.95 -3.80
CA PRO A 16 3.09 -12.39 -4.67
C PRO A 16 1.76 -11.75 -4.27
N GLY A 17 1.46 -11.87 -2.97
CA GLY A 17 0.32 -11.26 -2.29
C GLY A 17 0.43 -9.74 -2.12
N ARG A 18 1.01 -9.01 -3.08
CA ARG A 18 1.01 -7.55 -3.04
C ARG A 18 -0.41 -6.96 -3.02
N ALA A 19 -1.42 -7.72 -3.47
CA ALA A 19 -2.84 -7.39 -3.36
C ALA A 19 -3.41 -7.53 -1.94
N PHE A 20 -2.57 -7.74 -0.91
CA PHE A 20 -2.93 -7.78 0.49
C PHE A 20 -1.73 -7.42 1.39
N TYR A 21 -0.79 -6.58 0.92
CA TYR A 21 0.34 -6.14 1.76
C TYR A 21 -0.12 -4.98 2.69
N THR A 22 -1.29 -5.12 3.31
CA THR A 22 -1.98 -4.17 4.22
C THR A 22 -2.79 -3.07 3.51
N THR A 23 -4.07 -2.94 3.89
CA THR A 23 -5.13 -2.14 3.24
C THR A 23 -4.69 -0.69 3.01
N GLY A 24 -4.43 0.03 4.11
CA GLY A 24 -3.78 1.34 4.10
C GLY A 24 -2.62 1.49 3.09
N GLU A 25 -1.86 0.42 2.81
CA GLU A 25 -0.82 0.34 1.79
C GLU A 25 -1.41 0.18 0.37
N ILE A 26 -2.10 -0.95 0.13
CA ILE A 26 -2.68 -1.34 -1.17
C ILE A 26 -3.61 -0.25 -1.73
N ILE A 27 -4.58 0.17 -0.93
CA ILE A 27 -5.54 1.24 -1.23
C ILE A 27 -4.77 2.57 -1.40
N GLY A 28 -3.71 2.77 -0.59
CA GLY A 28 -2.77 3.85 -0.81
C GLY A 28 -2.23 3.87 -2.25
N ASP A 29 -1.61 2.75 -2.66
CA ASP A 29 -1.08 2.50 -4.00
C ASP A 29 -2.12 2.74 -5.08
N ILE A 30 -3.31 2.17 -4.87
CA ILE A 30 -4.49 2.41 -5.70
C ILE A 30 -4.78 3.93 -5.87
N ARG A 31 -4.73 4.75 -4.81
CA ARG A 31 -4.89 6.19 -4.94
C ARG A 31 -3.69 6.85 -5.68
N GLN A 32 -2.43 6.51 -5.35
CA GLN A 32 -1.27 6.91 -6.17
C GLN A 32 -1.44 6.61 -7.68
N ALA A 33 -2.04 5.48 -8.03
CA ALA A 33 -2.33 5.11 -9.42
C ALA A 33 -3.50 5.87 -10.08
N HIS A 34 -4.22 6.71 -9.33
CA HIS A 34 -5.23 7.63 -9.84
C HIS A 34 -4.68 9.05 -10.10
N CYS A 35 -3.36 9.24 -9.98
CA CYS A 35 -2.65 10.50 -10.02
C CYS A 35 -2.57 11.10 -11.45
N CYS A 1 -4.47 12.51 1.07
CA CYS A 1 -3.44 11.77 0.36
C CYS A 1 -2.62 10.82 1.28
N THR A 2 -1.60 10.19 0.70
CA THR A 2 -0.50 9.48 1.36
C THR A 2 0.75 10.37 1.30
N ARG A 3 1.87 9.77 1.67
CA ARG A 3 3.22 10.24 1.43
C ARG A 3 3.69 9.31 0.29
N PRO A 4 3.60 9.72 -0.99
CA PRO A 4 3.79 8.83 -2.14
C PRO A 4 5.26 8.41 -2.29
N ASN A 5 5.66 7.97 -3.50
CA ASN A 5 7.02 7.74 -3.91
C ASN A 5 7.70 6.66 -3.06
N ASN A 6 9.04 6.69 -3.03
CA ASN A 6 9.91 5.98 -2.08
C ASN A 6 9.35 4.59 -1.63
N ASN A 7 9.45 3.60 -2.53
CA ASN A 7 8.98 2.21 -2.44
C ASN A 7 7.44 2.03 -2.35
N THR A 8 6.70 3.13 -2.16
CA THR A 8 5.29 3.19 -1.74
C THR A 8 5.11 2.75 -0.25
N ARG A 9 6.19 2.21 0.34
CA ARG A 9 6.35 1.51 1.62
C ARG A 9 5.35 0.34 1.84
N LYS A 10 4.22 0.59 2.52
CA LYS A 10 3.10 -0.34 2.73
C LYS A 10 3.45 -1.85 2.79
N SER A 11 4.38 -2.31 3.65
CA SER A 11 4.88 -3.70 3.57
C SER A 11 5.48 -4.30 4.85
N ILE A 12 4.67 -4.27 5.93
CA ILE A 12 4.93 -4.98 7.20
C ILE A 12 3.96 -6.16 7.44
N HIS A 13 3.72 -6.83 6.34
CA HIS A 13 2.70 -7.82 6.12
C HIS A 13 3.17 -9.22 5.76
N ILE A 14 3.77 -9.32 4.58
CA ILE A 14 3.96 -10.60 3.92
C ILE A 14 5.24 -10.64 3.05
N GLY A 15 5.11 -10.44 1.72
CA GLY A 15 6.21 -10.50 0.74
C GLY A 15 5.91 -11.54 -0.36
N PRO A 16 6.15 -12.84 -0.11
CA PRO A 16 5.70 -13.92 -1.00
C PRO A 16 4.17 -13.93 -1.18
N GLY A 17 3.46 -13.61 -0.09
CA GLY A 17 2.01 -13.34 -0.06
C GLY A 17 1.65 -12.00 -0.71
N ARG A 18 2.14 -11.79 -1.94
CA ARG A 18 2.04 -10.59 -2.78
C ARG A 18 0.62 -10.01 -3.00
N ALA A 19 -0.43 -10.77 -2.67
CA ALA A 19 -1.84 -10.33 -2.72
C ALA A 19 -2.57 -10.48 -1.36
N PHE A 20 -1.82 -10.68 -0.27
CA PHE A 20 -2.26 -10.73 1.11
C PHE A 20 -1.78 -9.49 1.89
N TYR A 21 -1.43 -8.41 1.18
CA TYR A 21 -1.13 -7.08 1.70
C TYR A 21 -2.25 -6.42 2.51
N THR A 22 -3.43 -7.03 2.49
CA THR A 22 -4.68 -6.50 3.05
C THR A 22 -5.24 -5.33 2.23
N THR A 23 -6.48 -5.46 1.75
CA THR A 23 -7.14 -4.54 0.80
C THR A 23 -7.05 -3.09 1.30
N GLY A 24 -7.60 -2.85 2.48
CA GLY A 24 -7.42 -1.62 3.25
C GLY A 24 -6.02 -0.97 3.14
N GLU A 25 -4.93 -1.76 3.05
CA GLU A 25 -3.58 -1.25 2.83
C GLU A 25 -3.31 -0.83 1.38
N ILE A 26 -3.30 -1.83 0.50
CA ILE A 26 -2.98 -1.76 -0.93
C ILE A 26 -3.86 -0.68 -1.58
N ILE A 27 -5.16 -0.85 -1.40
CA ILE A 27 -6.21 0.03 -1.88
C ILE A 27 -6.18 1.37 -1.12
N GLY A 28 -6.04 1.37 0.22
CA GLY A 28 -5.87 2.61 0.98
C GLY A 28 -4.79 3.53 0.39
N ASP A 29 -3.56 3.01 0.27
CA ASP A 29 -2.43 3.69 -0.36
C ASP A 29 -2.73 4.09 -1.81
N ILE A 30 -3.23 3.16 -2.61
CA ILE A 30 -3.68 3.48 -3.97
C ILE A 30 -4.60 4.72 -4.00
N ARG A 31 -5.70 4.73 -3.23
CA ARG A 31 -6.64 5.86 -3.16
C ARG A 31 -5.94 7.14 -2.66
N GLN A 32 -5.14 7.02 -1.60
CA GLN A 32 -4.39 8.11 -1.00
C GLN A 32 -3.24 8.61 -1.92
N ALA A 33 -2.85 7.88 -2.96
CA ALA A 33 -1.88 8.35 -3.96
C ALA A 33 -2.42 9.37 -5.00
N HIS A 34 -3.73 9.69 -5.01
CA HIS A 34 -4.35 10.55 -6.03
C HIS A 34 -4.21 12.06 -5.71
N CYS A 35 -3.05 12.42 -5.15
CA CYS A 35 -2.73 13.71 -4.56
C CYS A 35 -2.54 14.84 -5.58
#